data_2VVP
#
_entry.id   2VVP
#
_cell.length_a   136.832
_cell.length_b   103.058
_cell.length_c   69.728
_cell.angle_alpha   90.00
_cell.angle_beta   95.51
_cell.angle_gamma   90.00
#
_symmetry.space_group_name_H-M   'C 1 2 1'
#
loop_
_entity.id
_entity.type
_entity.pdbx_description
1 polymer 'RIBOSE-5-PHOSPHATE ISOMERASE B'
2 non-polymer RIBOSE-5-PHOSPHATE
3 non-polymer RIBULOSE-5-PHOSPHATE
4 water water
#
_entity_poly.entity_id   1
_entity_poly.type   'polypeptide(L)'
_entity_poly.pdbx_seq_one_letter_code
;MSGMRVYLGADHAGYELKQRIIEHLKQTGHEPIDCGALRYDADDDYPAFCIAAATRTVADPGSLGIVLGGSGNGEQIAAN
KVPGARCALAWSVQTAALAREHNNAQLIGIGGRMHTVAEALAIVDAFVTTPWSKAQRHQRRIDILAEYERTHEAPPVPGA
PA
;
_entity_poly.pdbx_strand_id   A,B,C,D,E
#
loop_
_chem_comp.id
_chem_comp.type
_chem_comp.name
_chem_comp.formula
5RP saccharide RIBULOSE-5-PHOSPHATE 'C5 H11 O8 P'
R5P saccharide RIBOSE-5-PHOSPHATE 'C5 H11 O8 P'
#
# COMPACT_ATOMS: atom_id res chain seq x y z
N GLY A 3 27.84 28.38 19.66
CA GLY A 3 27.50 28.05 18.25
C GLY A 3 27.28 26.56 18.07
N MET A 4 26.41 26.20 17.13
CA MET A 4 25.85 24.86 17.07
C MET A 4 25.73 24.43 15.61
N ARG A 5 25.96 23.14 15.35
CA ARG A 5 25.65 22.56 14.05
C ARG A 5 24.13 22.40 14.00
N VAL A 6 23.53 22.85 12.90
CA VAL A 6 22.10 22.75 12.69
C VAL A 6 21.87 22.15 11.31
N TYR A 7 21.21 20.99 11.26
CA TYR A 7 20.95 20.31 10.01
C TYR A 7 19.63 20.79 9.46
N LEU A 8 19.63 21.21 8.19
CA LEU A 8 18.39 21.67 7.53
C LEU A 8 18.02 20.82 6.33
N GLY A 9 16.74 20.51 6.23
CA GLY A 9 16.21 19.78 5.09
C GLY A 9 14.91 20.43 4.67
N ALA A 10 14.66 20.44 3.37
CA ALA A 10 13.43 21.07 2.87
C ALA A 10 13.14 20.61 1.46
N ASP A 11 11.85 20.46 1.16
CA ASP A 11 11.45 20.27 -0.23
C ASP A 11 11.34 21.64 -0.92
N HIS A 12 10.87 21.62 -2.16
CA HIS A 12 10.69 22.85 -2.96
C HIS A 12 9.85 23.94 -2.27
N ALA A 13 8.87 23.52 -1.49
CA ALA A 13 7.95 24.45 -0.87
C ALA A 13 8.60 25.15 0.33
N GLY A 14 9.67 24.54 0.87
CA GLY A 14 10.44 25.15 1.96
C GLY A 14 11.82 25.66 1.56
N TYR A 15 12.15 25.53 0.28
CA TYR A 15 13.49 25.71 -0.21
C TYR A 15 13.99 27.14 -0.02
N GLU A 16 13.22 28.12 -0.48
CA GLU A 16 13.66 29.51 -0.40
C GLU A 16 13.81 29.94 1.08
N LEU A 17 12.88 29.52 1.93
CA LEU A 17 12.98 29.85 3.34
C LEU A 17 14.20 29.16 3.94
N LYS A 18 14.43 27.90 3.59
CA LYS A 18 15.64 27.21 4.04
C LYS A 18 16.92 28.01 3.71
N GLN A 19 17.03 28.53 2.49
CA GLN A 19 18.23 29.29 2.13
C GLN A 19 18.36 30.56 2.99
N ARG A 20 17.24 31.24 3.23
CA ARG A 20 17.22 32.39 4.15
C ARG A 20 17.65 32.00 5.58
N ILE A 21 17.18 30.85 6.07
CA ILE A 21 17.51 30.43 7.42
C ILE A 21 19.00 30.09 7.56
N ILE A 22 19.54 29.44 6.53
CA ILE A 22 20.97 29.09 6.47
C ILE A 22 21.79 30.36 6.64
N GLU A 23 21.44 31.40 5.89
CA GLU A 23 22.19 32.66 5.95
C GLU A 23 22.02 33.33 7.31
N HIS A 24 20.79 33.31 7.84
CA HIS A 24 20.54 33.84 9.18
C HIS A 24 21.36 33.11 10.22
N LEU A 25 21.40 31.78 10.14
CA LEU A 25 22.14 30.97 11.13
C LEU A 25 23.66 31.23 11.08
N LYS A 26 24.18 31.41 9.88
CA LYS A 26 25.57 31.82 9.70
C LYS A 26 25.81 33.17 10.36
N GLN A 27 24.92 34.13 10.11
CA GLN A 27 25.06 35.48 10.66
C GLN A 27 24.95 35.51 12.19
N THR A 28 24.27 34.53 12.78
CA THR A 28 24.08 34.50 14.22
C THR A 28 25.06 33.52 14.90
N GLY A 29 26.06 33.05 14.18
CA GLY A 29 27.16 32.30 14.78
C GLY A 29 27.02 30.78 14.81
N HIS A 30 26.04 30.25 14.07
CA HIS A 30 25.83 28.82 14.01
C HIS A 30 26.48 28.22 12.77
N GLU A 31 26.48 26.90 12.69
CA GLU A 31 27.05 26.18 11.56
C GLU A 31 25.92 25.39 10.87
N PRO A 32 25.18 26.04 9.97
CA PRO A 32 24.12 25.30 9.28
C PRO A 32 24.70 24.27 8.30
N ILE A 33 24.06 23.11 8.22
CA ILE A 33 24.46 22.06 7.31
C ILE A 33 23.25 21.70 6.46
N ASP A 34 23.40 21.89 5.16
CA ASP A 34 22.29 21.74 4.21
C ASP A 34 22.21 20.28 3.75
N CYS A 35 21.15 19.61 4.17
CA CYS A 35 20.85 18.24 3.74
C CYS A 35 20.14 18.16 2.39
N GLY A 36 19.75 19.31 1.85
CA GLY A 36 18.98 19.39 0.61
C GLY A 36 17.54 19.75 0.94
N ALA A 37 16.76 20.16 -0.05
CA ALA A 37 17.13 20.24 -1.46
C ALA A 37 18.17 21.30 -1.77
N LEU A 38 19.08 20.97 -2.70
CA LEU A 38 20.17 21.90 -3.06
C LEU A 38 19.80 22.92 -4.17
N ARG A 39 18.62 22.75 -4.75
CA ARG A 39 18.09 23.70 -5.72
C ARG A 39 16.58 23.55 -5.69
N TYR A 40 15.88 24.48 -6.32
CA TYR A 40 14.41 24.36 -6.45
C TYR A 40 14.02 23.35 -7.52
N ASP A 41 13.28 22.33 -7.09
CA ASP A 41 12.68 21.35 -8.00
C ASP A 41 11.23 21.23 -7.59
N ALA A 42 10.34 21.82 -8.38
CA ALA A 42 8.92 21.97 -8.02
C ALA A 42 8.21 20.66 -7.66
N ASP A 43 8.75 19.54 -8.13
CA ASP A 43 8.10 18.23 -7.98
C ASP A 43 8.73 17.36 -6.90
N ASP A 44 9.78 17.85 -6.24
CA ASP A 44 10.53 16.97 -5.34
C ASP A 44 9.73 16.64 -4.07
N ASP A 45 10.19 15.58 -3.42
CA ASP A 45 9.45 14.88 -2.38
C ASP A 45 10.15 15.05 -1.01
N TYR A 46 9.46 15.66 -0.05
CA TYR A 46 10.05 15.99 1.27
C TYR A 46 10.67 14.85 2.09
N PRO A 47 10.09 13.63 2.07
CA PRO A 47 10.56 12.68 3.10
C PRO A 47 12.08 12.46 3.20
N ALA A 48 12.74 12.25 2.08
CA ALA A 48 14.19 11.96 2.09
C ALA A 48 14.96 13.06 2.78
N PHE A 49 14.60 14.32 2.51
CA PHE A 49 15.35 15.45 3.11
C PHE A 49 15.13 15.52 4.62
N CYS A 50 13.92 15.19 5.04
CA CYS A 50 13.56 15.29 6.44
C CYS A 50 14.15 14.13 7.25
N ILE A 51 14.07 12.93 6.68
CA ILE A 51 14.71 11.76 7.28
C ILE A 51 16.23 11.95 7.38
N ALA A 52 16.84 12.55 6.36
CA ALA A 52 18.28 12.85 6.36
C ALA A 52 18.64 13.82 7.49
N ALA A 53 17.90 14.92 7.58
CA ALA A 53 18.15 15.93 8.63
C ALA A 53 17.96 15.30 10.02
N ALA A 54 16.89 14.53 10.22
CA ALA A 54 16.60 13.94 11.53
C ALA A 54 17.67 12.89 11.89
N THR A 55 18.00 12.04 10.92
CA THR A 55 19.00 10.98 11.17
C THR A 55 20.33 11.62 11.57
N ARG A 56 20.74 12.63 10.82
CA ARG A 56 22.03 13.31 11.03
C ARG A 56 22.06 14.07 12.35
N THR A 57 20.94 14.70 12.68
CA THR A 57 20.81 15.42 13.95
C THR A 57 20.93 14.47 15.14
N VAL A 58 20.20 13.37 15.09
CA VAL A 58 20.16 12.43 16.21
C VAL A 58 21.56 11.80 16.41
N ALA A 59 22.26 11.59 15.29
CA ALA A 59 23.59 10.98 15.30
C ALA A 59 24.68 11.93 15.80
N ASP A 60 24.36 13.22 15.90
CA ASP A 60 25.35 14.28 16.17
C ASP A 60 25.05 14.98 17.50
N PRO A 61 25.71 14.55 18.58
CA PRO A 61 25.39 15.10 19.90
C PRO A 61 25.53 16.60 19.99
N GLY A 62 24.51 17.24 20.56
CA GLY A 62 24.51 18.69 20.73
C GLY A 62 24.01 19.49 19.53
N SER A 63 23.76 18.82 18.40
CA SER A 63 23.26 19.51 17.21
C SER A 63 21.74 19.64 17.31
N LEU A 64 21.20 20.49 16.46
CA LEU A 64 19.74 20.61 16.28
C LEU A 64 19.46 20.50 14.79
N GLY A 65 18.19 20.37 14.45
CA GLY A 65 17.77 20.31 13.07
C GLY A 65 16.49 21.05 12.80
N ILE A 66 16.29 21.41 11.54
CA ILE A 66 15.10 22.14 11.11
C ILE A 66 14.67 21.62 9.75
N VAL A 67 13.40 21.26 9.64
CA VAL A 67 12.82 20.69 8.43
C VAL A 67 11.70 21.61 8.00
N LEU A 68 11.73 21.97 6.72
CA LEU A 68 10.81 22.96 6.15
C LEU A 68 10.08 22.39 4.96
N GLY A 69 8.82 22.77 4.87
CA GLY A 69 8.00 22.48 3.70
C GLY A 69 6.92 23.54 3.65
N GLY A 70 5.84 23.24 2.92
CA GLY A 70 4.70 24.15 2.87
C GLY A 70 4.11 24.41 4.24
N SER A 71 3.79 23.33 4.93
CA SER A 71 3.15 23.39 6.23
C SER A 71 4.07 22.94 7.37
N GLY A 72 5.09 22.16 7.04
CA GLY A 72 5.96 21.56 8.04
C GLY A 72 5.42 20.27 8.66
N ASN A 73 4.17 19.90 8.38
CA ASN A 73 3.53 18.77 9.09
C ASN A 73 3.96 17.40 8.56
N GLY A 74 3.95 17.23 7.25
CA GLY A 74 4.53 16.02 6.65
C GLY A 74 6.01 15.89 7.01
N GLU A 75 6.67 17.03 7.07
CA GLU A 75 8.09 17.07 7.36
C GLU A 75 8.38 16.58 8.78
N GLN A 76 7.67 17.09 9.77
CA GLN A 76 7.87 16.63 11.14
C GLN A 76 7.42 15.16 11.30
N ILE A 77 6.38 14.74 10.58
CA ILE A 77 5.94 13.34 10.65
C ILE A 77 7.08 12.45 10.21
N ALA A 78 7.69 12.81 9.09
CA ALA A 78 8.79 12.04 8.52
C ALA A 78 9.99 12.01 9.49
N ALA A 79 10.36 13.18 10.01
CA ALA A 79 11.45 13.28 11.02
C ALA A 79 11.16 12.37 12.21
N ASN A 80 9.91 12.37 12.65
CA ASN A 80 9.52 11.60 13.83
C ASN A 80 9.56 10.08 13.66
N LYS A 81 9.62 9.63 12.41
CA LYS A 81 9.82 8.21 12.16
C LYS A 81 11.23 7.74 12.43
N VAL A 82 12.19 8.67 12.46
CA VAL A 82 13.61 8.33 12.71
C VAL A 82 13.80 7.93 14.17
N PRO A 83 14.39 6.74 14.41
CA PRO A 83 14.58 6.36 15.81
C PRO A 83 15.34 7.41 16.66
N GLY A 84 14.76 7.75 17.81
CA GLY A 84 15.37 8.70 18.73
C GLY A 84 15.09 10.17 18.43
N ALA A 85 14.46 10.46 17.29
CA ALA A 85 14.19 11.83 16.89
C ALA A 85 12.95 12.31 17.61
N ARG A 86 12.98 13.57 18.01
CA ARG A 86 11.82 14.26 18.54
C ARG A 86 11.68 15.57 17.73
N CYS A 87 10.70 15.64 16.84
CA CYS A 87 10.52 16.80 15.99
C CYS A 87 9.20 17.48 16.29
N ALA A 88 9.26 18.69 16.85
CA ALA A 88 8.07 19.51 17.08
C ALA A 88 7.70 20.24 15.80
N LEU A 89 6.46 20.68 15.70
CA LEU A 89 6.05 21.66 14.68
C LEU A 89 6.04 23.01 15.39
N ALA A 90 6.95 23.90 14.95
CA ALA A 90 7.04 25.23 15.55
C ALA A 90 6.29 26.24 14.68
N TRP A 91 5.26 26.86 15.25
CA TRP A 91 4.43 27.82 14.50
C TRP A 91 4.39 29.19 15.20
N SER A 92 5.18 29.30 16.27
CA SER A 92 5.30 30.52 17.05
C SER A 92 6.57 30.49 17.89
N VAL A 93 6.97 31.65 18.39
CA VAL A 93 8.11 31.71 19.28
C VAL A 93 7.85 30.83 20.51
N GLN A 94 6.62 30.88 21.03
CA GLN A 94 6.26 30.12 22.22
C GLN A 94 6.42 28.61 22.00
N THR A 95 5.93 28.12 20.87
CA THR A 95 5.98 26.67 20.59
C THR A 95 7.40 26.21 20.23
N ALA A 96 8.20 27.05 19.58
CA ALA A 96 9.62 26.76 19.37
C ALA A 96 10.34 26.61 20.71
N ALA A 97 10.09 27.55 21.61
CA ALA A 97 10.71 27.54 22.92
C ALA A 97 10.30 26.33 23.76
N LEU A 98 9.00 26.04 23.82
CA LEU A 98 8.48 24.89 24.58
C LEU A 98 8.99 23.57 24.00
N ALA A 99 9.15 23.52 22.68
CA ALA A 99 9.71 22.32 22.05
C ALA A 99 11.05 21.93 22.69
N ARG A 100 11.89 22.93 22.94
CA ARG A 100 13.16 22.71 23.62
C ARG A 100 12.97 22.49 25.13
N GLU A 101 12.23 23.39 25.77
CA GLU A 101 12.11 23.37 27.24
C GLU A 101 11.42 22.11 27.78
N HIS A 102 10.30 21.74 27.16
CA HIS A 102 9.46 20.62 27.59
C HIS A 102 9.80 19.30 26.90
N ASN A 103 10.01 19.34 25.58
CA ASN A 103 10.11 18.11 24.78
C ASN A 103 11.55 17.69 24.47
N ASN A 104 12.51 18.56 24.79
CA ASN A 104 13.91 18.39 24.37
C ASN A 104 13.98 18.04 22.88
N ALA A 105 13.15 18.70 22.08
CA ALA A 105 13.07 18.37 20.65
C ALA A 105 14.39 18.72 19.99
N GLN A 106 15.00 17.76 19.29
CA GLN A 106 16.24 18.10 18.56
C GLN A 106 15.92 18.76 17.23
N LEU A 107 14.67 18.60 16.76
CA LEU A 107 14.22 19.19 15.50
C LEU A 107 12.91 19.93 15.64
N ILE A 108 12.74 20.93 14.77
CA ILE A 108 11.42 21.51 14.51
C ILE A 108 11.10 21.48 13.04
N GLY A 109 9.81 21.31 12.73
CA GLY A 109 9.29 21.62 11.43
C GLY A 109 8.76 23.05 11.39
N ILE A 110 8.92 23.71 10.25
CA ILE A 110 8.36 25.04 10.01
C ILE A 110 7.67 25.03 8.64
N GLY A 111 6.47 25.58 8.60
CA GLY A 111 5.72 25.73 7.35
C GLY A 111 6.08 27.04 6.67
N GLY A 112 6.87 26.95 5.62
CA GLY A 112 7.30 28.11 4.82
C GLY A 112 6.15 28.96 4.31
N ARG A 113 5.02 28.33 3.97
CA ARG A 113 3.85 29.06 3.46
C ARG A 113 2.99 29.74 4.55
N MET A 114 3.38 29.58 5.82
CA MET A 114 2.53 29.95 6.95
C MET A 114 2.99 31.20 7.68
N HIS A 115 4.19 31.69 7.35
CA HIS A 115 4.82 32.77 8.09
C HIS A 115 5.53 33.71 7.15
N THR A 116 5.66 34.95 7.60
CA THR A 116 6.60 35.88 6.98
C THR A 116 8.02 35.43 7.31
N VAL A 117 9.00 35.89 6.54
CA VAL A 117 10.39 35.58 6.84
C VAL A 117 10.78 36.02 8.27
N ALA A 118 10.42 37.24 8.65
CA ALA A 118 10.68 37.72 10.01
C ALA A 118 10.13 36.79 11.09
N GLU A 119 8.88 36.38 10.92
CA GLU A 119 8.25 35.45 11.84
C GLU A 119 9.02 34.14 11.89
N ALA A 120 9.39 33.60 10.73
CA ALA A 120 10.14 32.35 10.68
C ALA A 120 11.49 32.46 11.38
N LEU A 121 12.22 33.55 11.13
CA LEU A 121 13.52 33.73 11.79
C LEU A 121 13.38 33.88 13.31
N ALA A 122 12.28 34.49 13.78
CA ALA A 122 12.02 34.63 15.21
C ALA A 122 11.77 33.26 15.84
N ILE A 123 11.06 32.43 15.10
CA ILE A 123 10.85 31.02 15.47
C ILE A 123 12.18 30.27 15.57
N VAL A 124 13.01 30.37 14.53
CA VAL A 124 14.36 29.77 14.54
C VAL A 124 15.20 30.26 15.73
N ASP A 125 15.19 31.58 15.98
CA ASP A 125 15.95 32.12 17.11
C ASP A 125 15.53 31.49 18.45
N ALA A 126 14.22 31.39 18.70
CA ALA A 126 13.71 30.78 19.92
C ALA A 126 14.15 29.32 20.01
N PHE A 127 14.09 28.62 18.89
CA PHE A 127 14.46 27.22 18.84
C PHE A 127 15.94 27.01 19.21
N VAL A 128 16.82 27.81 18.61
CA VAL A 128 18.27 27.59 18.81
C VAL A 128 18.80 28.20 20.11
N THR A 129 18.03 29.06 20.77
CA THR A 129 18.48 29.71 22.01
C THR A 129 17.83 29.20 23.29
N THR A 130 16.68 28.56 23.20
CA THR A 130 15.96 28.09 24.40
C THR A 130 16.60 26.81 24.95
N PRO A 131 17.00 26.82 26.24
CA PRO A 131 17.58 25.57 26.78
C PRO A 131 16.56 24.47 27.05
N TRP A 132 17.00 23.22 26.88
CA TRP A 132 16.32 22.06 27.45
C TRP A 132 16.30 22.20 28.98
N SER A 133 15.14 22.03 29.59
CA SER A 133 14.96 22.31 31.03
C SER A 133 15.69 21.31 31.94
N LYS A 134 15.84 20.07 31.47
CA LYS A 134 16.30 18.94 32.28
C LYS A 134 15.38 18.61 33.47
N ALA A 135 14.14 19.11 33.44
CA ALA A 135 13.22 18.92 34.57
C ALA A 135 12.75 17.47 34.63
N GLN A 136 12.66 16.95 35.84
CA GLN A 136 12.30 15.57 36.11
C GLN A 136 11.12 15.03 35.31
N ARG A 137 9.98 15.71 35.39
CA ARG A 137 8.75 15.22 34.76
C ARG A 137 8.88 15.15 33.22
N HIS A 138 9.59 16.12 32.64
CA HIS A 138 9.77 16.13 31.17
C HIS A 138 10.68 14.98 30.74
N GLN A 139 11.77 14.78 31.46
CA GLN A 139 12.64 13.64 31.21
C GLN A 139 11.88 12.32 31.34
N ARG A 140 11.04 12.20 32.36
CA ARG A 140 10.28 10.98 32.60
C ARG A 140 9.43 10.63 31.39
N ARG A 141 8.75 11.65 30.88
CA ARG A 141 7.87 11.50 29.72
C ARG A 141 8.65 11.14 28.47
N ILE A 142 9.81 11.77 28.26
CA ILE A 142 10.71 11.43 27.14
C ILE A 142 11.18 9.98 27.27
N ASP A 143 11.49 9.55 28.49
CA ASP A 143 11.95 8.17 28.73
C ASP A 143 10.86 7.16 28.37
N ILE A 144 9.63 7.50 28.72
CA ILE A 144 8.48 6.63 28.43
C ILE A 144 8.36 6.47 26.93
N LEU A 145 8.42 7.59 26.21
CA LEU A 145 8.38 7.51 24.74
C LEU A 145 9.53 6.69 24.15
N ALA A 146 10.76 6.92 24.61
CA ALA A 146 11.93 6.18 24.16
C ALA A 146 11.78 4.68 24.38
N GLU A 147 11.23 4.31 25.52
CA GLU A 147 11.01 2.89 25.85
C GLU A 147 9.95 2.29 24.89
N TYR A 148 8.91 3.06 24.57
CA TYR A 148 7.92 2.60 23.58
C TYR A 148 8.59 2.43 22.21
N GLU A 149 9.44 3.38 21.83
CA GLU A 149 10.18 3.25 20.57
C GLU A 149 11.02 1.98 20.52
N ARG A 150 11.55 1.59 21.68
CA ARG A 150 12.44 0.45 21.75
C ARG A 150 11.70 -0.87 21.61
N THR A 151 10.53 -0.96 22.21
CA THR A 151 9.80 -2.24 22.36
C THR A 151 8.49 -2.33 21.61
N HIS A 152 7.92 -1.19 21.24
CA HIS A 152 6.54 -1.09 20.75
C HIS A 152 5.49 -1.72 21.67
N GLU A 153 5.80 -1.83 22.95
CA GLU A 153 4.83 -2.23 23.95
C GLU A 153 4.17 -0.94 24.42
N ALA A 154 2.91 -0.75 24.05
CA ALA A 154 2.18 0.47 24.44
C ALA A 154 2.14 0.55 25.96
N PRO A 155 2.54 1.69 26.52
CA PRO A 155 2.51 1.72 27.98
C PRO A 155 1.08 1.76 28.51
N PRO A 156 0.84 1.13 29.66
CA PRO A 156 -0.52 1.08 30.15
C PRO A 156 -1.05 2.47 30.49
N VAL A 157 -2.32 2.69 30.24
CA VAL A 157 -2.97 3.94 30.62
C VAL A 157 -3.33 3.81 32.11
N PRO A 158 -3.15 4.89 32.88
CA PRO A 158 -3.61 4.85 34.27
C PRO A 158 -5.10 4.55 34.34
N GLY A 159 -5.47 3.56 35.13
CA GLY A 159 -6.89 3.17 35.27
C GLY A 159 -7.42 2.44 34.05
N SER B 2 -19.73 10.46 6.26
CA SER B 2 -19.69 11.82 6.88
C SER B 2 -19.30 11.74 8.33
N GLY B 3 -20.13 11.08 9.15
CA GLY B 3 -19.82 10.85 10.56
C GLY B 3 -18.56 9.99 10.71
N MET B 4 -17.63 10.44 11.54
CA MET B 4 -16.34 9.79 11.72
C MET B 4 -16.23 9.20 13.12
N ARG B 5 -15.58 8.04 13.23
CA ARG B 5 -15.14 7.56 14.53
C ARG B 5 -13.84 8.31 14.85
N VAL B 6 -13.76 8.85 16.06
CA VAL B 6 -12.58 9.64 16.50
C VAL B 6 -12.06 9.17 17.88
N TYR B 7 -10.82 8.70 17.90
CA TYR B 7 -10.15 8.29 19.14
C TYR B 7 -9.45 9.49 19.75
N LEU B 8 -9.76 9.82 21.01
CA LEU B 8 -9.12 10.95 21.67
C LEU B 8 -8.24 10.54 22.84
N GLY B 9 -7.10 11.20 22.97
CA GLY B 9 -6.22 11.01 24.11
C GLY B 9 -5.70 12.35 24.59
N ALA B 10 -5.48 12.50 25.90
CA ALA B 10 -5.01 13.77 26.45
C ALA B 10 -4.40 13.59 27.83
N ASP B 11 -3.38 14.40 28.12
CA ASP B 11 -2.91 14.52 29.51
C ASP B 11 -3.70 15.61 30.22
N HIS B 12 -3.32 15.89 31.47
CA HIS B 12 -4.01 16.92 32.26
C HIS B 12 -4.14 18.26 31.56
N ALA B 13 -3.12 18.65 30.79
CA ALA B 13 -3.10 19.97 30.12
C ALA B 13 -4.12 20.05 28.97
N GLY B 14 -4.50 18.89 28.41
CA GLY B 14 -5.48 18.83 27.36
C GLY B 14 -6.83 18.25 27.79
N TYR B 15 -6.94 17.94 29.08
CA TYR B 15 -8.07 17.17 29.57
C TYR B 15 -9.41 17.88 29.41
N GLU B 16 -9.46 19.11 29.89
CA GLU B 16 -10.70 19.88 29.80
C GLU B 16 -11.11 20.09 28.33
N LEU B 17 -10.14 20.41 27.48
CA LEU B 17 -10.42 20.61 26.05
C LEU B 17 -10.90 19.31 25.43
N LYS B 18 -10.25 18.19 25.75
CA LYS B 18 -10.73 16.89 25.27
C LYS B 18 -12.21 16.65 25.59
N GLN B 19 -12.62 16.94 26.83
CA GLN B 19 -14.00 16.70 27.23
C GLN B 19 -14.96 17.56 26.41
N ARG B 20 -14.56 18.80 26.14
CA ARG B 20 -15.34 19.72 25.28
C ARG B 20 -15.42 19.22 23.83
N ILE B 21 -14.29 18.72 23.32
CA ILE B 21 -14.27 18.16 21.96
C ILE B 21 -15.19 16.93 21.87
N ILE B 22 -15.12 16.06 22.87
CA ILE B 22 -15.97 14.86 22.91
C ILE B 22 -17.45 15.25 22.76
N GLU B 23 -17.87 16.22 23.55
CA GLU B 23 -19.26 16.69 23.48
C GLU B 23 -19.58 17.32 22.12
N HIS B 24 -18.66 18.13 21.61
CA HIS B 24 -18.81 18.76 20.30
C HIS B 24 -18.95 17.72 19.19
N LEU B 25 -18.08 16.70 19.21
CA LEU B 25 -18.14 15.63 18.21
C LEU B 25 -19.47 14.87 18.25
N LYS B 26 -19.95 14.56 19.45
CA LYS B 26 -21.28 13.94 19.60
C LYS B 26 -22.36 14.81 18.97
N GLN B 27 -22.32 16.11 19.29
CA GLN B 27 -23.32 17.08 18.80
C GLN B 27 -23.32 17.26 17.29
N THR B 28 -22.17 17.01 16.67
CA THR B 28 -22.00 17.22 15.22
C THR B 28 -22.02 15.88 14.45
N GLY B 29 -22.48 14.81 15.09
CA GLY B 29 -22.80 13.57 14.39
C GLY B 29 -21.67 12.57 14.26
N HIS B 30 -20.57 12.78 14.99
CA HIS B 30 -19.42 11.87 15.00
C HIS B 30 -19.42 10.95 16.22
N GLU B 31 -18.50 9.99 16.25
CA GLU B 31 -18.43 8.97 17.30
C GLU B 31 -17.10 9.04 18.05
N PRO B 32 -17.01 9.91 19.07
CA PRO B 32 -15.79 10.00 19.87
C PRO B 32 -15.61 8.82 20.83
N ILE B 33 -14.37 8.35 20.93
CA ILE B 33 -13.98 7.27 21.82
C ILE B 33 -12.85 7.81 22.69
N ASP B 34 -13.06 7.82 24.00
CA ASP B 34 -12.11 8.40 24.94
C ASP B 34 -11.07 7.39 25.40
N CYS B 35 -9.82 7.61 25.04
CA CYS B 35 -8.73 6.76 25.47
C CYS B 35 -8.07 7.19 26.79
N GLY B 36 -8.55 8.27 27.40
CA GLY B 36 -7.96 8.81 28.62
C GLY B 36 -7.14 10.05 28.30
N ALA B 37 -6.83 10.89 29.30
CA ALA B 37 -7.08 10.64 30.73
C ALA B 37 -8.57 10.71 31.09
N LEU B 38 -8.99 9.91 32.07
CA LEU B 38 -10.39 9.86 32.48
C LEU B 38 -10.72 10.80 33.64
N ARG B 39 -9.69 11.43 34.20
CA ARG B 39 -9.87 12.50 35.16
C ARG B 39 -8.66 13.41 35.11
N TYR B 40 -8.80 14.57 35.74
CA TYR B 40 -7.70 15.51 35.84
C TYR B 40 -6.69 15.03 36.89
N ASP B 41 -5.46 14.80 36.44
CA ASP B 41 -4.34 14.50 37.31
C ASP B 41 -3.18 15.39 36.87
N ALA B 42 -2.95 16.46 37.64
CA ALA B 42 -1.94 17.47 37.32
C ALA B 42 -0.54 16.94 37.00
N ASP B 43 -0.20 15.74 37.48
CA ASP B 43 1.13 15.17 37.29
C ASP B 43 1.22 14.13 36.17
N ASP B 44 0.11 13.83 35.49
CA ASP B 44 0.12 12.66 34.59
C ASP B 44 0.92 12.93 33.33
N ASP B 45 1.21 11.82 32.62
CA ASP B 45 2.21 11.79 31.58
C ASP B 45 1.56 11.49 30.21
N TYR B 46 1.72 12.43 29.28
CA TYR B 46 1.00 12.32 27.98
C TYR B 46 1.27 11.05 27.11
N PRO B 47 2.50 10.49 27.10
CA PRO B 47 2.74 9.46 26.05
C PRO B 47 1.73 8.31 26.00
N ALA B 48 1.40 7.72 27.14
CA ALA B 48 0.50 6.56 27.15
C ALA B 48 -0.82 6.84 26.45
N PHE B 49 -1.40 8.01 26.71
CA PHE B 49 -2.70 8.37 26.14
C PHE B 49 -2.63 8.58 24.62
N CYS B 50 -1.53 9.19 24.18
CA CYS B 50 -1.31 9.53 22.77
C CYS B 50 -0.99 8.26 21.96
N ILE B 51 -0.15 7.42 22.53
CA ILE B 51 0.16 6.12 21.90
C ILE B 51 -1.12 5.28 21.81
N ALA B 52 -1.95 5.27 22.86
CA ALA B 52 -3.24 4.54 22.83
C ALA B 52 -4.12 5.04 21.68
N ALA B 53 -4.34 6.36 21.62
CA ALA B 53 -5.19 6.93 20.58
C ALA B 53 -4.65 6.59 19.20
N ALA B 54 -3.34 6.73 19.01
CA ALA B 54 -2.72 6.50 17.69
C ALA B 54 -2.81 5.02 17.30
N THR B 55 -2.57 4.15 18.28
CA THR B 55 -2.56 2.70 18.03
C THR B 55 -3.97 2.24 17.64
N ARG B 56 -4.99 2.74 18.36
CA ARG B 56 -6.35 2.34 18.08
C ARG B 56 -6.82 2.88 16.74
N THR B 57 -6.37 4.10 16.40
CA THR B 57 -6.72 4.72 15.12
C THR B 57 -6.16 3.91 13.96
N VAL B 58 -4.90 3.54 14.03
CA VAL B 58 -4.26 2.77 12.95
C VAL B 58 -4.95 1.40 12.78
N ALA B 59 -5.34 0.80 13.91
CA ALA B 59 -5.97 -0.54 13.90
C ALA B 59 -7.43 -0.54 13.44
N ASP B 60 -8.00 0.64 13.24
CA ASP B 60 -9.41 0.84 12.87
C ASP B 60 -9.44 1.75 11.64
N PRO B 61 -9.06 1.21 10.48
CA PRO B 61 -8.94 2.05 9.30
C PRO B 61 -10.21 2.84 9.02
N GLY B 62 -10.05 4.10 8.66
CA GLY B 62 -11.16 5.00 8.40
C GLY B 62 -11.50 5.86 9.62
N SER B 63 -11.00 5.47 10.79
CA SER B 63 -11.13 6.33 11.97
C SER B 63 -10.10 7.44 11.94
N LEU B 64 -10.35 8.45 12.76
CA LEU B 64 -9.41 9.55 13.01
C LEU B 64 -9.07 9.59 14.49
N GLY B 65 -8.04 10.36 14.84
CA GLY B 65 -7.66 10.49 16.23
C GLY B 65 -7.27 11.93 16.51
N ILE B 66 -7.43 12.32 17.77
CA ILE B 66 -6.98 13.65 18.21
C ILE B 66 -6.26 13.48 19.55
N VAL B 67 -5.02 14.00 19.64
CA VAL B 67 -4.26 13.97 20.90
C VAL B 67 -4.07 15.40 21.38
N LEU B 68 -4.26 15.61 22.67
CA LEU B 68 -4.20 16.94 23.24
C LEU B 68 -3.29 16.98 24.46
N GLY B 69 -2.61 18.11 24.61
CA GLY B 69 -1.80 18.40 25.78
C GLY B 69 -1.63 19.91 25.80
N GLY B 70 -0.60 20.40 26.50
CA GLY B 70 -0.39 21.84 26.59
C GLY B 70 -0.14 22.47 25.23
N SER B 71 0.84 21.93 24.51
CA SER B 71 1.19 22.41 23.18
C SER B 71 0.76 21.50 22.04
N GLY B 72 0.50 20.23 22.35
CA GLY B 72 0.23 19.22 21.33
C GLY B 72 1.49 18.63 20.69
N ASN B 73 2.67 19.18 20.98
CA ASN B 73 3.88 18.75 20.28
C ASN B 73 4.48 17.44 20.77
N GLY B 74 4.74 17.32 22.07
CA GLY B 74 5.10 16.01 22.62
C GLY B 74 4.03 14.96 22.25
N GLU B 75 2.79 15.40 22.20
CA GLU B 75 1.66 14.51 21.97
C GLU B 75 1.72 13.93 20.55
N GLN B 76 1.93 14.79 19.56
CA GLN B 76 2.07 14.31 18.17
C GLN B 76 3.36 13.52 17.98
N ILE B 77 4.44 13.92 18.67
CA ILE B 77 5.68 13.15 18.60
C ILE B 77 5.41 11.69 19.03
N ALA B 78 4.73 11.53 20.17
CA ALA B 78 4.35 10.23 20.71
C ALA B 78 3.48 9.44 19.73
N ALA B 79 2.43 10.08 19.24
CA ALA B 79 1.54 9.47 18.24
C ALA B 79 2.35 8.96 17.04
N ASN B 80 3.27 9.80 16.59
CA ASN B 80 4.03 9.48 15.39
C ASN B 80 5.01 8.32 15.55
N LYS B 81 5.25 7.90 16.79
CA LYS B 81 6.07 6.71 16.99
C LYS B 81 5.33 5.42 16.71
N VAL B 82 4.00 5.47 16.68
CA VAL B 82 3.17 4.31 16.45
C VAL B 82 3.27 3.91 14.97
N PRO B 83 3.62 2.64 14.70
CA PRO B 83 3.71 2.16 13.31
C PRO B 83 2.46 2.50 12.51
N GLY B 84 2.63 3.17 11.36
CA GLY B 84 1.51 3.51 10.47
C GLY B 84 0.76 4.79 10.80
N ALA B 85 1.08 5.40 11.93
CA ALA B 85 0.38 6.63 12.33
C ALA B 85 0.98 7.85 11.64
N ARG B 86 0.13 8.79 11.24
CA ARG B 86 0.60 10.09 10.76
C ARG B 86 -0.16 11.15 11.52
N CYS B 87 0.53 11.86 12.40
CA CYS B 87 -0.10 12.84 13.30
C CYS B 87 0.47 14.24 13.04
N ALA B 88 -0.34 15.10 12.44
CA ALA B 88 0.02 16.49 12.22
C ALA B 88 -0.21 17.29 13.50
N LEU B 89 0.44 18.44 13.61
CA LEU B 89 0.07 19.41 14.66
C LEU B 89 -0.88 20.43 14.01
N ALA B 90 -2.11 20.48 14.48
CA ALA B 90 -3.12 21.38 13.93
C ALA B 90 -3.19 22.62 14.81
N TRP B 91 -2.80 23.77 14.28
CA TRP B 91 -2.82 25.01 15.04
C TRP B 91 -3.70 26.06 14.38
N SER B 92 -4.38 25.66 13.31
CA SER B 92 -5.29 26.53 12.57
C SER B 92 -6.24 25.69 11.72
N VAL B 93 -7.29 26.32 11.22
CA VAL B 93 -8.18 25.65 10.32
C VAL B 93 -7.42 25.19 9.07
N GLN B 94 -6.55 26.05 8.56
CA GLN B 94 -5.79 25.74 7.36
C GLN B 94 -4.91 24.50 7.56
N THR B 95 -4.17 24.45 8.66
CA THR B 95 -3.28 23.31 8.89
C THR B 95 -4.04 22.03 9.21
N ALA B 96 -5.19 22.13 9.89
CA ALA B 96 -6.03 20.92 10.08
C ALA B 96 -6.48 20.38 8.74
N ALA B 97 -6.95 21.27 7.86
CA ALA B 97 -7.36 20.88 6.52
C ALA B 97 -6.22 20.28 5.70
N LEU B 98 -5.06 20.94 5.68
CA LEU B 98 -3.94 20.45 4.89
C LEU B 98 -3.43 19.08 5.39
N ALA B 99 -3.56 18.86 6.71
CA ALA B 99 -3.18 17.57 7.30
C ALA B 99 -3.92 16.42 6.61
N ARG B 100 -5.22 16.60 6.38
CA ARG B 100 -6.01 15.61 5.65
C ARG B 100 -5.67 15.63 4.15
N GLU B 101 -5.76 16.81 3.55
CA GLU B 101 -5.64 16.96 2.12
C GLU B 101 -4.31 16.43 1.57
N HIS B 102 -3.22 16.88 2.17
CA HIS B 102 -1.86 16.59 1.71
C HIS B 102 -1.22 15.36 2.39
N ASN B 103 -1.37 15.27 3.70
CA ASN B 103 -0.65 14.26 4.50
C ASN B 103 -1.46 12.99 4.75
N ASN B 104 -2.75 13.00 4.40
CA ASN B 104 -3.67 11.93 4.81
C ASN B 104 -3.49 11.58 6.30
N ALA B 105 -3.30 12.61 7.13
CA ALA B 105 -2.99 12.37 8.55
C ALA B 105 -4.24 11.78 9.18
N GLN B 106 -4.12 10.67 9.89
CA GLN B 106 -5.27 10.14 10.60
C GLN B 106 -5.42 10.81 11.95
N LEU B 107 -4.38 11.47 12.43
CA LEU B 107 -4.44 12.14 13.73
C LEU B 107 -3.94 13.58 13.65
N ILE B 108 -4.45 14.41 14.57
CA ILE B 108 -3.82 15.70 14.84
C ILE B 108 -3.59 15.86 16.34
N GLY B 109 -2.52 16.57 16.67
CA GLY B 109 -2.33 17.10 17.99
C GLY B 109 -2.85 18.53 18.06
N ILE B 110 -3.45 18.87 19.21
CA ILE B 110 -3.89 20.24 19.47
C ILE B 110 -3.38 20.65 20.85
N GLY B 111 -2.85 21.88 20.94
CA GLY B 111 -2.38 22.42 22.21
C GLY B 111 -3.53 23.11 22.93
N GLY B 112 -3.95 22.54 24.05
CA GLY B 112 -5.01 23.10 24.87
C GLY B 112 -4.70 24.45 25.49
N ARG B 113 -3.42 24.78 25.58
CA ARG B 113 -3.01 26.08 26.14
C ARG B 113 -2.82 27.17 25.09
N MET B 114 -3.02 26.82 23.81
CA MET B 114 -2.72 27.69 22.67
C MET B 114 -3.91 28.34 21.97
N HIS B 115 -5.13 27.93 22.31
CA HIS B 115 -6.33 28.36 21.56
C HIS B 115 -7.49 28.60 22.50
N THR B 116 -8.42 29.42 22.07
CA THR B 116 -9.73 29.48 22.74
C THR B 116 -10.47 28.19 22.40
N VAL B 117 -11.51 27.86 23.15
CA VAL B 117 -12.31 26.68 22.84
C VAL B 117 -12.92 26.81 21.44
N ALA B 118 -13.50 27.97 21.13
CA ALA B 118 -14.07 28.19 19.79
C ALA B 118 -13.04 27.91 18.69
N GLU B 119 -11.81 28.39 18.89
CA GLU B 119 -10.72 28.18 17.93
C GLU B 119 -10.39 26.70 17.81
N ALA B 120 -10.34 26.02 18.95
CA ALA B 120 -10.07 24.57 18.96
C ALA B 120 -11.16 23.80 18.22
N LEU B 121 -12.42 24.14 18.44
CA LEU B 121 -13.50 23.41 17.80
C LEU B 121 -13.56 23.65 16.29
N ALA B 122 -13.14 24.83 15.84
CA ALA B 122 -13.01 25.12 14.41
C ALA B 122 -11.94 24.25 13.77
N ILE B 123 -10.83 24.11 14.48
CA ILE B 123 -9.75 23.21 14.04
C ILE B 123 -10.27 21.76 13.90
N VAL B 124 -10.99 21.32 14.94
CA VAL B 124 -11.59 19.99 14.93
C VAL B 124 -12.55 19.79 13.77
N ASP B 125 -13.42 20.78 13.51
CA ASP B 125 -14.36 20.69 12.41
C ASP B 125 -13.64 20.52 11.07
N ALA B 126 -12.59 21.30 10.84
CA ALA B 126 -11.83 21.20 9.60
C ALA B 126 -11.20 19.82 9.44
N PHE B 127 -10.67 19.32 10.55
CA PHE B 127 -9.98 18.03 10.54
C PHE B 127 -10.94 16.88 10.23
N VAL B 128 -12.12 16.87 10.85
CA VAL B 128 -13.04 15.75 10.65
C VAL B 128 -13.88 15.81 9.37
N THR B 129 -13.85 16.96 8.68
CA THR B 129 -14.64 17.16 7.47
C THR B 129 -13.83 17.22 6.18
N THR B 130 -12.53 17.52 6.26
CA THR B 130 -11.74 17.70 5.04
C THR B 130 -11.33 16.35 4.48
N PRO B 131 -11.60 16.09 3.19
CA PRO B 131 -11.20 14.80 2.60
C PRO B 131 -9.71 14.73 2.29
N TRP B 132 -9.19 13.52 2.38
CA TRP B 132 -7.90 13.20 1.81
C TRP B 132 -8.01 13.34 0.29
N SER B 133 -7.05 14.04 -0.31
CA SER B 133 -7.11 14.40 -1.72
C SER B 133 -6.93 13.24 -2.70
N LYS B 134 -6.17 12.21 -2.30
CA LYS B 134 -5.75 11.11 -3.19
C LYS B 134 -4.90 11.56 -4.39
N ALA B 135 -4.32 12.76 -4.34
CA ALA B 135 -3.51 13.25 -5.48
C ALA B 135 -2.20 12.46 -5.58
N GLN B 136 -1.75 12.21 -6.80
CA GLN B 136 -0.63 11.34 -7.06
C GLN B 136 0.61 11.71 -6.25
N ARG B 137 0.99 12.98 -6.23
CA ARG B 137 2.26 13.34 -5.61
C ARG B 137 2.22 13.13 -4.11
N HIS B 138 1.06 13.36 -3.50
CA HIS B 138 0.92 13.17 -2.06
C HIS B 138 1.00 11.69 -1.71
N GLN B 139 0.33 10.86 -2.50
CA GLN B 139 0.39 9.40 -2.29
C GLN B 139 1.83 8.90 -2.44
N ARG B 140 2.55 9.47 -3.41
CA ARG B 140 3.95 9.08 -3.62
C ARG B 140 4.79 9.37 -2.38
N ARG B 141 4.61 10.55 -1.82
CA ARG B 141 5.39 10.97 -0.65
C ARG B 141 5.02 10.13 0.59
N ILE B 142 3.73 9.90 0.80
CA ILE B 142 3.28 9.04 1.89
C ILE B 142 3.91 7.62 1.74
N ASP B 143 3.98 7.13 0.51
CA ASP B 143 4.50 5.79 0.27
C ASP B 143 5.99 5.73 0.57
N ILE B 144 6.71 6.79 0.21
CA ILE B 144 8.15 6.88 0.52
C ILE B 144 8.34 6.82 2.04
N LEU B 145 7.58 7.62 2.76
CA LEU B 145 7.68 7.60 4.22
C LEU B 145 7.34 6.23 4.80
N ALA B 146 6.28 5.61 4.29
CA ALA B 146 5.86 4.31 4.77
C ALA B 146 6.97 3.26 4.55
N GLU B 147 7.65 3.32 3.42
CA GLU B 147 8.72 2.38 3.13
C GLU B 147 9.89 2.57 4.11
N TYR B 148 10.19 3.83 4.45
CA TYR B 148 11.23 4.13 5.44
C TYR B 148 10.80 3.56 6.80
N GLU B 149 9.54 3.77 7.17
CA GLU B 149 9.03 3.20 8.44
C GLU B 149 9.14 1.67 8.46
N ARG B 150 9.00 1.05 7.28
CA ARG B 150 9.05 -0.41 7.16
C ARG B 150 10.46 -0.96 7.43
N THR B 151 11.47 -0.29 6.89
CA THR B 151 12.83 -0.82 6.90
C THR B 151 13.83 -0.04 7.75
N HIS B 152 13.50 1.23 8.02
CA HIS B 152 14.38 2.22 8.64
C HIS B 152 15.69 2.44 7.85
N GLU B 153 15.63 2.17 6.55
CA GLU B 153 16.70 2.47 5.64
C GLU B 153 16.43 3.82 4.99
N ALA B 154 17.25 4.82 5.31
CA ALA B 154 17.02 6.20 4.84
C ALA B 154 17.07 6.24 3.32
N PRO B 155 16.04 6.81 2.66
CA PRO B 155 16.11 6.84 1.20
C PRO B 155 17.10 7.90 0.74
N PRO B 156 17.88 7.61 -0.33
CA PRO B 156 18.82 8.65 -0.76
C PRO B 156 18.14 9.95 -1.19
N VAL B 157 18.82 11.07 -0.95
CA VAL B 157 18.35 12.36 -1.45
C VAL B 157 18.74 12.46 -2.93
N PRO B 158 18.08 13.35 -3.70
CA PRO B 158 18.38 13.45 -5.13
C PRO B 158 19.78 13.95 -5.48
N GLY C 3 -34.01 -27.39 -4.87
CA GLY C 3 -33.49 -26.22 -5.63
C GLY C 3 -33.12 -25.10 -4.66
N MET C 4 -32.06 -24.37 -5.00
CA MET C 4 -31.51 -23.33 -4.16
C MET C 4 -31.79 -21.95 -4.75
N ARG C 5 -32.02 -20.97 -3.86
CA ARG C 5 -31.97 -19.57 -4.25
C ARG C 5 -30.50 -19.17 -4.23
N VAL C 6 -30.03 -18.57 -5.31
CA VAL C 6 -28.62 -18.22 -5.46
C VAL C 6 -28.47 -16.78 -5.94
N TYR C 7 -27.83 -15.95 -5.12
CA TYR C 7 -27.59 -14.52 -5.45
C TYR C 7 -26.27 -14.41 -6.17
N LEU C 8 -26.28 -13.82 -7.36
CA LEU C 8 -25.03 -13.66 -8.10
C LEU C 8 -24.60 -12.21 -8.30
N GLY C 9 -23.30 -11.97 -8.19
CA GLY C 9 -22.73 -10.66 -8.45
C GLY C 9 -21.43 -10.79 -9.21
N ALA C 10 -21.15 -9.82 -10.08
CA ALA C 10 -19.97 -9.92 -10.92
C ALA C 10 -19.62 -8.58 -11.56
N ASP C 11 -18.32 -8.32 -11.68
CA ASP C 11 -17.87 -7.18 -12.48
C ASP C 11 -17.69 -7.64 -13.92
N HIS C 12 -17.20 -6.74 -14.75
CA HIS C 12 -16.96 -7.00 -16.17
C HIS C 12 -16.14 -8.28 -16.45
N ALA C 13 -15.16 -8.55 -15.59
CA ALA C 13 -14.26 -9.69 -15.76
C ALA C 13 -14.92 -11.04 -15.46
N GLY C 14 -16.00 -11.05 -14.68
CA GLY C 14 -16.80 -12.25 -14.48
C GLY C 14 -18.20 -12.23 -15.08
N TYR C 15 -18.52 -11.16 -15.81
CA TYR C 15 -19.85 -10.94 -16.37
C TYR C 15 -20.32 -12.04 -17.32
N GLU C 16 -19.51 -12.37 -18.33
CA GLU C 16 -19.94 -13.41 -19.30
C GLU C 16 -20.16 -14.77 -18.62
N LEU C 17 -19.25 -15.17 -17.74
CA LEU C 17 -19.43 -16.37 -16.92
C LEU C 17 -20.68 -16.30 -16.03
N LYS C 18 -20.90 -15.18 -15.35
CA LYS C 18 -22.10 -15.00 -14.53
C LYS C 18 -23.37 -15.30 -15.35
N GLN C 19 -23.44 -14.77 -16.56
CA GLN C 19 -24.61 -14.99 -17.41
C GLN C 19 -24.76 -16.48 -17.76
N ARG C 20 -23.63 -17.16 -18.06
CA ARG C 20 -23.66 -18.60 -18.33
C ARG C 20 -24.11 -19.36 -17.09
N ILE C 21 -23.65 -18.92 -15.92
CA ILE C 21 -24.04 -19.57 -14.68
C ILE C 21 -25.53 -19.40 -14.37
N ILE C 22 -26.07 -18.22 -14.62
CA ILE C 22 -27.49 -17.95 -14.41
C ILE C 22 -28.32 -18.93 -15.25
N GLU C 23 -27.93 -19.09 -16.51
CA GLU C 23 -28.64 -20.00 -17.38
C GLU C 23 -28.49 -21.43 -16.90
N HIS C 24 -27.28 -21.81 -16.52
CA HIS C 24 -27.04 -23.16 -16.02
C HIS C 24 -27.87 -23.48 -14.79
N LEU C 25 -27.94 -22.53 -13.85
CA LEU C 25 -28.71 -22.73 -12.63
C LEU C 25 -30.20 -22.89 -12.91
N LYS C 26 -30.72 -22.12 -13.88
CA LYS C 26 -32.12 -22.21 -14.30
C LYS C 26 -32.39 -23.60 -14.86
N GLN C 27 -31.50 -24.03 -15.76
CA GLN C 27 -31.59 -25.35 -16.41
C GLN C 27 -31.49 -26.52 -15.45
N THR C 28 -30.85 -26.30 -14.28
CA THR C 28 -30.69 -27.36 -13.28
C THR C 28 -31.58 -27.22 -12.05
N GLY C 29 -32.60 -26.36 -12.15
CA GLY C 29 -33.70 -26.31 -11.15
C GLY C 29 -33.51 -25.41 -9.95
N HIS C 30 -32.59 -24.46 -10.09
CA HIS C 30 -32.31 -23.49 -9.02
C HIS C 30 -32.90 -22.14 -9.42
N GLU C 31 -32.86 -21.19 -8.48
CA GLU C 31 -33.48 -19.87 -8.61
C GLU C 31 -32.38 -18.80 -8.50
N PRO C 32 -31.69 -18.50 -9.62
CA PRO C 32 -30.66 -17.45 -9.59
C PRO C 32 -31.26 -16.05 -9.54
N ILE C 33 -30.65 -15.18 -8.75
CA ILE C 33 -31.05 -13.78 -8.63
C ILE C 33 -29.82 -12.94 -8.99
N ASP C 34 -29.96 -12.13 -10.02
CA ASP C 34 -28.86 -11.33 -10.53
C ASP C 34 -28.78 -9.98 -9.82
N CYS C 35 -27.68 -9.78 -9.07
CA CYS C 35 -27.41 -8.50 -8.41
C CYS C 35 -26.62 -7.54 -9.27
N GLY C 36 -26.26 -7.96 -10.49
CA GLY C 36 -25.44 -7.14 -11.40
C GLY C 36 -24.00 -7.60 -11.41
N ALA C 37 -23.17 -7.17 -12.37
CA ALA C 37 -23.50 -6.18 -13.40
C ALA C 37 -24.52 -6.69 -14.41
N LEU C 38 -25.32 -5.76 -14.93
CA LEU C 38 -26.42 -6.11 -15.86
C LEU C 38 -26.03 -6.04 -17.34
N ARG C 39 -24.85 -5.52 -17.62
CA ARG C 39 -24.23 -5.57 -18.94
C ARG C 39 -22.72 -5.50 -18.73
N TYR C 40 -21.98 -5.74 -19.81
CA TYR C 40 -20.53 -5.63 -19.76
C TYR C 40 -20.11 -4.17 -19.78
N ASP C 41 -19.42 -3.74 -18.73
CA ASP C 41 -18.83 -2.42 -18.68
C ASP C 41 -17.39 -2.63 -18.25
N ALA C 42 -16.47 -2.48 -19.21
CA ALA C 42 -15.06 -2.86 -19.04
C ALA C 42 -14.38 -2.21 -17.84
N ASP C 43 -14.90 -1.08 -17.39
CA ASP C 43 -14.28 -0.27 -16.34
C ASP C 43 -14.99 -0.40 -14.99
N ASP C 44 -16.03 -1.21 -14.89
CA ASP C 44 -16.84 -1.21 -13.66
C ASP C 44 -16.09 -1.88 -12.50
N ASP C 45 -16.65 -1.66 -11.31
CA ASP C 45 -15.99 -1.89 -10.03
C ASP C 45 -16.72 -2.97 -9.20
N TYR C 46 -16.02 -4.06 -8.91
CA TYR C 46 -16.64 -5.25 -8.31
C TYR C 46 -17.29 -5.08 -6.92
N PRO C 47 -16.72 -4.23 -6.04
CA PRO C 47 -17.23 -4.30 -4.64
C PRO C 47 -18.74 -4.20 -4.45
N ALA C 48 -19.41 -3.24 -5.10
CA ALA C 48 -20.84 -3.07 -4.88
C ALA C 48 -21.63 -4.33 -5.21
N PHE C 49 -21.26 -5.00 -6.30
CA PHE C 49 -22.01 -6.20 -6.72
C PHE C 49 -21.81 -7.34 -5.72
N CYS C 50 -20.60 -7.43 -5.18
CA CYS C 50 -20.27 -8.52 -4.23
C CYS C 50 -20.90 -8.28 -2.86
N ILE C 51 -20.84 -7.04 -2.40
CA ILE C 51 -21.52 -6.63 -1.17
C ILE C 51 -23.01 -6.85 -1.31
N ALA C 52 -23.59 -6.52 -2.46
CA ALA C 52 -25.03 -6.72 -2.67
C ALA C 52 -25.37 -8.21 -2.53
N ALA C 53 -24.62 -9.05 -3.24
CA ALA C 53 -24.89 -10.49 -3.26
C ALA C 53 -24.77 -11.06 -1.85
N ALA C 54 -23.68 -10.70 -1.15
CA ALA C 54 -23.44 -11.22 0.19
C ALA C 54 -24.48 -10.73 1.21
N THR C 55 -24.82 -9.45 1.15
CA THR C 55 -25.84 -8.87 2.07
C THR C 55 -27.19 -9.60 1.88
N ARG C 56 -27.59 -9.78 0.63
CA ARG C 56 -28.87 -10.47 0.35
C ARG C 56 -28.84 -11.91 0.80
N THR C 57 -27.73 -12.60 0.55
CA THR C 57 -27.60 -13.99 0.99
C THR C 57 -27.77 -14.13 2.49
N VAL C 58 -27.04 -13.31 3.25
CA VAL C 58 -27.13 -13.32 4.71
C VAL C 58 -28.55 -13.01 5.20
N ALA C 59 -29.22 -12.08 4.51
CA ALA C 59 -30.55 -11.64 4.91
C ALA C 59 -31.63 -12.67 4.54
N ASP C 60 -31.24 -13.68 3.79
CA ASP C 60 -32.15 -14.70 3.26
C ASP C 60 -31.63 -16.07 3.66
N PRO C 61 -31.75 -16.39 4.97
CA PRO C 61 -31.15 -17.63 5.43
C PRO C 61 -31.67 -18.83 4.65
N GLY C 62 -30.77 -19.72 4.25
CA GLY C 62 -31.12 -20.83 3.38
C GLY C 62 -30.66 -20.65 1.94
N SER C 63 -30.44 -19.40 1.53
CA SER C 63 -29.92 -19.10 0.21
C SER C 63 -28.40 -19.23 0.13
N LEU C 64 -27.88 -19.23 -1.09
CA LEU C 64 -26.44 -19.20 -1.35
C LEU C 64 -26.15 -18.04 -2.29
N GLY C 65 -24.86 -17.77 -2.47
CA GLY C 65 -24.43 -16.70 -3.37
C GLY C 65 -23.14 -17.03 -4.08
N ILE C 66 -22.95 -16.39 -5.23
CA ILE C 66 -21.76 -16.63 -6.02
C ILE C 66 -21.30 -15.28 -6.55
N VAL C 67 -20.03 -14.96 -6.30
CA VAL C 67 -19.45 -13.69 -6.78
C VAL C 67 -18.32 -14.04 -7.74
N LEU C 68 -18.29 -13.33 -8.87
CA LEU C 68 -17.39 -13.59 -9.97
C LEU C 68 -16.59 -12.35 -10.36
N GLY C 69 -15.30 -12.55 -10.62
CA GLY C 69 -14.46 -11.51 -11.22
C GLY C 69 -13.37 -12.23 -11.98
N GLY C 70 -12.26 -11.55 -12.24
CA GLY C 70 -11.14 -12.17 -12.93
C GLY C 70 -10.55 -13.33 -12.14
N SER C 71 -10.25 -13.07 -10.87
CA SER C 71 -9.64 -14.05 -9.98
C SER C 71 -10.60 -14.57 -8.92
N GLY C 72 -11.59 -13.75 -8.56
CA GLY C 72 -12.49 -14.07 -7.47
C GLY C 72 -12.04 -13.64 -6.08
N ASN C 73 -10.78 -13.20 -5.99
CA ASN C 73 -10.20 -12.90 -4.69
C ASN C 73 -10.65 -11.58 -4.10
N GLY C 74 -10.53 -10.49 -4.87
CA GLY C 74 -11.15 -9.22 -4.43
C GLY C 74 -12.63 -9.41 -4.12
N GLU C 75 -13.30 -10.22 -4.94
CA GLU C 75 -14.72 -10.48 -4.79
C GLU C 75 -15.09 -11.16 -3.46
N GLN C 76 -14.38 -12.23 -3.11
CA GLN C 76 -14.61 -12.90 -1.83
C GLN C 76 -14.19 -12.00 -0.65
N ILE C 77 -13.12 -11.23 -0.80
CA ILE C 77 -12.71 -10.29 0.27
C ILE C 77 -13.84 -9.32 0.56
N ALA C 78 -14.42 -8.78 -0.51
CA ALA C 78 -15.56 -7.86 -0.37
C ALA C 78 -16.76 -8.53 0.28
N ALA C 79 -17.15 -9.69 -0.21
CA ALA C 79 -18.25 -10.46 0.38
C ALA C 79 -18.00 -10.71 1.86
N ASN C 80 -16.76 -11.09 2.21
CA ASN C 80 -16.42 -11.35 3.59
C ASN C 80 -16.47 -10.17 4.55
N LYS C 81 -16.52 -8.95 4.02
CA LYS C 81 -16.71 -7.78 4.87
C LYS C 81 -18.15 -7.64 5.38
N VAL C 82 -19.09 -8.33 4.73
CA VAL C 82 -20.50 -8.25 5.11
C VAL C 82 -20.71 -9.05 6.39
N PRO C 83 -21.29 -8.42 7.43
CA PRO C 83 -21.56 -9.14 8.67
C PRO C 83 -22.36 -10.41 8.44
N GLY C 84 -21.87 -11.51 9.00
CA GLY C 84 -22.53 -12.81 8.85
C GLY C 84 -22.19 -13.65 7.65
N ALA C 85 -21.49 -13.06 6.67
CA ALA C 85 -21.13 -13.74 5.43
C ALA C 85 -19.86 -14.56 5.62
N ARG C 86 -19.85 -15.73 5.01
CA ARG C 86 -18.65 -16.53 4.89
C ARG C 86 -18.51 -16.90 3.41
N CYS C 87 -17.52 -16.32 2.75
CA CYS C 87 -17.34 -16.49 1.32
C CYS C 87 -16.00 -17.19 1.06
N ALA C 88 -16.06 -18.43 0.57
CA ALA C 88 -14.85 -19.14 0.15
C ALA C 88 -14.43 -18.75 -1.27
N LEU C 89 -13.18 -19.01 -1.65
CA LEU C 89 -12.73 -18.95 -3.04
C LEU C 89 -12.76 -20.39 -3.52
N ALA C 90 -13.63 -20.66 -4.49
CA ALA C 90 -13.78 -21.99 -5.06
C ALA C 90 -12.98 -22.08 -6.36
N TRP C 91 -11.94 -22.92 -6.36
CA TRP C 91 -11.07 -23.09 -7.53
C TRP C 91 -11.07 -24.53 -8.04
N SER C 92 -11.90 -25.37 -7.44
CA SER C 92 -12.04 -26.80 -7.78
C SER C 92 -13.33 -27.34 -7.21
N VAL C 93 -13.77 -28.49 -7.73
CA VAL C 93 -14.89 -29.18 -7.15
C VAL C 93 -14.68 -29.49 -5.66
N GLN C 94 -13.47 -29.95 -5.31
CA GLN C 94 -13.14 -30.28 -3.91
C GLN C 94 -13.31 -29.06 -3.00
N THR C 95 -12.81 -27.92 -3.45
CA THR C 95 -12.83 -26.74 -2.59
C THR C 95 -14.24 -26.16 -2.52
N ALA C 96 -15.02 -26.27 -3.60
CA ALA C 96 -16.43 -25.89 -3.55
C ALA C 96 -17.19 -26.75 -2.52
N ALA C 97 -16.96 -28.07 -2.58
CA ALA C 97 -17.60 -28.96 -1.63
C ALA C 97 -17.18 -28.70 -0.18
N LEU C 98 -15.87 -28.58 0.06
CA LEU C 98 -15.37 -28.34 1.43
C LEU C 98 -15.89 -27.00 1.97
N ALA C 99 -16.06 -26.01 1.10
CA ALA C 99 -16.63 -24.73 1.53
C ALA C 99 -17.99 -24.92 2.22
N ARG C 100 -18.83 -25.76 1.63
CA ARG C 100 -20.10 -26.10 2.21
C ARG C 100 -19.93 -27.00 3.42
N GLU C 101 -19.17 -28.09 3.23
CA GLU C 101 -19.07 -29.16 4.24
C GLU C 101 -18.48 -28.67 5.56
N HIS C 102 -17.38 -27.95 5.45
CA HIS C 102 -16.59 -27.52 6.61
C HIS C 102 -16.89 -26.09 7.04
N ASN C 103 -16.96 -25.19 6.07
CA ASN C 103 -17.07 -23.75 6.38
C ASN C 103 -18.51 -23.22 6.50
N ASN C 104 -19.46 -24.03 6.04
CA ASN C 104 -20.84 -23.57 5.84
C ASN C 104 -20.82 -22.25 5.08
N ALA C 105 -19.95 -22.15 4.09
CA ALA C 105 -19.81 -20.92 3.29
C ALA C 105 -21.14 -20.72 2.55
N GLN C 106 -21.82 -19.61 2.81
CA GLN C 106 -23.04 -19.30 2.01
C GLN C 106 -22.68 -18.76 0.62
N LEU C 107 -21.45 -18.25 0.44
CA LEU C 107 -20.97 -17.76 -0.84
C LEU C 107 -19.66 -18.37 -1.28
N ILE C 108 -19.46 -18.43 -2.60
CA ILE C 108 -18.15 -18.65 -3.15
C ILE C 108 -17.82 -17.57 -4.16
N GLY C 109 -16.54 -17.22 -4.21
CA GLY C 109 -15.98 -16.50 -5.32
C GLY C 109 -15.42 -17.48 -6.34
N ILE C 110 -15.50 -17.09 -7.62
CA ILE C 110 -14.94 -17.86 -8.73
C ILE C 110 -14.23 -16.90 -9.68
N GLY C 111 -13.02 -17.27 -10.09
CA GLY C 111 -12.22 -16.47 -10.99
C GLY C 111 -12.51 -16.89 -12.43
N GLY C 112 -13.32 -16.07 -13.11
CA GLY C 112 -13.68 -16.30 -14.53
C GLY C 112 -12.50 -16.49 -15.45
N ARG C 113 -11.37 -15.84 -15.16
CA ARG C 113 -10.17 -15.97 -16.00
C ARG C 113 -9.35 -17.24 -15.72
N MET C 114 -9.79 -18.04 -14.74
CA MET C 114 -8.97 -19.15 -14.21
C MET C 114 -9.41 -20.53 -14.66
N HIS C 115 -10.63 -20.62 -15.20
CA HIS C 115 -11.24 -21.91 -15.52
C HIS C 115 -11.90 -21.83 -16.90
N THR C 116 -12.09 -22.99 -17.51
CA THR C 116 -12.97 -23.12 -18.66
C THR C 116 -14.40 -23.02 -18.12
N VAL C 117 -15.35 -22.77 -19.01
CA VAL C 117 -16.75 -22.75 -18.59
C VAL C 117 -17.18 -24.09 -17.98
N ALA C 118 -16.76 -25.21 -18.57
CA ALA C 118 -17.13 -26.53 -18.03
C ALA C 118 -16.59 -26.71 -16.61
N GLU C 119 -15.34 -26.32 -16.39
CA GLU C 119 -14.71 -26.40 -15.07
C GLU C 119 -15.49 -25.53 -14.07
N ALA C 120 -15.82 -24.31 -14.48
CA ALA C 120 -16.61 -23.40 -13.61
C ALA C 120 -17.99 -23.93 -13.28
N LEU C 121 -18.70 -24.48 -14.26
CA LEU C 121 -20.00 -25.06 -14.00
C LEU C 121 -19.93 -26.28 -13.07
N ALA C 122 -18.86 -27.06 -13.15
CA ALA C 122 -18.65 -28.19 -12.23
C ALA C 122 -18.46 -27.70 -10.78
N ILE C 123 -17.72 -26.60 -10.66
CA ILE C 123 -17.50 -25.95 -9.36
C ILE C 123 -18.84 -25.48 -8.82
N VAL C 124 -19.61 -24.81 -9.67
CA VAL C 124 -20.95 -24.37 -9.27
C VAL C 124 -21.84 -25.53 -8.79
N ASP C 125 -21.84 -26.63 -9.55
CA ASP C 125 -22.65 -27.81 -9.21
C ASP C 125 -22.27 -28.34 -7.83
N ALA C 126 -20.97 -28.43 -7.57
CA ALA C 126 -20.47 -28.93 -6.28
C ALA C 126 -20.95 -27.99 -5.15
N PHE C 127 -20.87 -26.69 -5.40
CA PHE C 127 -21.26 -25.70 -4.40
C PHE C 127 -22.75 -25.76 -4.04
N VAL C 128 -23.63 -25.89 -5.05
CA VAL C 128 -25.07 -25.82 -4.80
C VAL C 128 -25.69 -27.17 -4.37
N THR C 129 -24.92 -28.26 -4.50
CA THR C 129 -25.44 -29.58 -4.13
C THR C 129 -24.82 -30.18 -2.86
N THR C 130 -23.64 -29.72 -2.45
CA THR C 130 -22.96 -30.30 -1.27
C THR C 130 -23.57 -29.75 0.02
N PRO C 131 -24.05 -30.64 0.90
CA PRO C 131 -24.61 -30.22 2.15
C PRO C 131 -23.59 -29.69 3.15
N TRP C 132 -24.03 -28.72 3.94
CA TRP C 132 -23.34 -28.32 5.16
C TRP C 132 -23.39 -29.50 6.14
N SER C 133 -22.22 -29.90 6.66
CA SER C 133 -22.16 -31.11 7.49
C SER C 133 -22.88 -31.00 8.83
N LYS C 134 -22.88 -29.80 9.40
CA LYS C 134 -23.40 -29.55 10.76
C LYS C 134 -22.51 -30.17 11.84
N ALA C 135 -21.31 -30.62 11.48
CA ALA C 135 -20.43 -31.30 12.46
C ALA C 135 -19.99 -30.35 13.56
N GLN C 136 -19.94 -30.88 14.78
CA GLN C 136 -19.70 -30.09 15.98
C GLN C 136 -18.47 -29.19 15.89
N ARG C 137 -17.36 -29.72 15.40
CA ARG C 137 -16.10 -28.94 15.47
C ARG C 137 -16.19 -27.76 14.49
N HIS C 138 -16.84 -28.00 13.35
CA HIS C 138 -17.01 -26.95 12.31
C HIS C 138 -17.93 -25.85 12.82
N GLN C 139 -19.04 -26.24 13.43
CA GLN C 139 -19.95 -25.26 14.05
C GLN C 139 -19.24 -24.46 15.15
N ARG C 140 -18.43 -25.12 15.96
CA ARG C 140 -17.67 -24.45 17.00
C ARG C 140 -16.79 -23.37 16.40
N ARG C 141 -16.10 -23.71 15.33
CA ARG C 141 -15.16 -22.78 14.67
C ARG C 141 -15.90 -21.61 14.03
N ILE C 142 -17.00 -21.90 13.34
CA ILE C 142 -17.83 -20.81 12.77
C ILE C 142 -18.38 -19.90 13.87
N ASP C 143 -18.76 -20.49 14.99
CA ASP C 143 -19.29 -19.70 16.09
C ASP C 143 -18.21 -18.79 16.70
N ILE C 144 -16.97 -19.27 16.82
CA ILE C 144 -15.85 -18.43 17.28
C ILE C 144 -15.65 -17.22 16.36
N LEU C 145 -15.65 -17.47 15.06
CA LEU C 145 -15.52 -16.36 14.11
C LEU C 145 -16.70 -15.37 14.22
N ALA C 146 -17.92 -15.89 14.31
CA ALA C 146 -19.11 -15.05 14.47
C ALA C 146 -19.03 -14.17 15.72
N GLU C 147 -18.54 -14.73 16.82
CA GLU C 147 -18.38 -13.97 18.05
C GLU C 147 -17.32 -12.88 17.87
N TYR C 148 -16.24 -13.19 17.16
CA TYR C 148 -15.21 -12.19 16.85
C TYR C 148 -15.84 -11.06 16.01
N GLU C 149 -16.66 -11.42 15.03
CA GLU C 149 -17.34 -10.40 14.22
C GLU C 149 -18.18 -9.48 15.08
N ARG C 150 -18.82 -10.05 16.08
CA ARG C 150 -19.71 -9.30 16.96
C ARG C 150 -18.98 -8.29 17.82
N THR C 151 -17.81 -8.68 18.32
CA THR C 151 -17.12 -7.89 19.35
C THR C 151 -15.80 -7.26 18.92
N HIS C 152 -15.17 -7.85 17.90
CA HIS C 152 -13.78 -7.55 17.53
C HIS C 152 -12.74 -7.77 18.63
N GLU C 153 -13.10 -8.60 19.59
CA GLU C 153 -12.21 -9.01 20.64
C GLU C 153 -11.56 -10.33 20.17
N ALA C 154 -10.29 -10.25 19.80
CA ALA C 154 -9.60 -11.44 19.26
C ALA C 154 -9.64 -12.55 20.30
N PRO C 155 -9.98 -13.77 19.88
CA PRO C 155 -10.03 -14.88 20.83
C PRO C 155 -8.63 -15.31 21.27
N PRO C 156 -8.52 -15.94 22.43
CA PRO C 156 -7.21 -16.33 22.93
C PRO C 156 -6.56 -17.31 21.99
N VAL C 157 -5.24 -17.23 21.83
CA VAL C 157 -4.50 -18.17 21.00
C VAL C 157 -3.93 -19.29 21.88
N PRO C 158 -4.39 -20.55 21.65
CA PRO C 158 -3.82 -21.65 22.42
C PRO C 158 -2.32 -21.78 22.24
N GLY C 159 -1.60 -21.87 23.36
CA GLY C 159 -0.16 -22.08 23.34
C GLY C 159 0.66 -20.80 23.24
N ALA C 160 0.00 -19.66 23.04
CA ALA C 160 0.68 -18.37 22.89
C ALA C 160 1.51 -17.99 24.12
N SER D 2 13.23 -5.27 0.48
CA SER D 2 13.20 -6.55 -0.30
C SER D 2 12.78 -7.71 0.59
N GLY D 3 13.49 -7.90 1.70
CA GLY D 3 13.06 -8.82 2.75
C GLY D 3 11.78 -8.29 3.40
N MET D 4 10.83 -9.19 3.63
CA MET D 4 9.52 -8.85 4.17
C MET D 4 9.34 -9.48 5.54
N ARG D 5 8.65 -8.76 6.42
CA ARG D 5 8.21 -9.36 7.66
C ARG D 5 6.88 -10.05 7.33
N VAL D 6 6.74 -11.30 7.79
CA VAL D 6 5.59 -12.13 7.46
C VAL D 6 5.04 -12.80 8.72
N TYR D 7 3.79 -12.48 9.05
CA TYR D 7 3.14 -13.10 10.19
C TYR D 7 2.43 -14.34 9.74
N LEU D 8 2.69 -15.48 10.38
CA LEU D 8 2.03 -16.74 9.98
C LEU D 8 1.11 -17.32 11.06
N GLY D 9 -0.03 -17.86 10.65
CA GLY D 9 -0.95 -18.52 11.56
C GLY D 9 -1.47 -19.78 10.88
N ALA D 10 -1.71 -20.83 11.67
CA ALA D 10 -2.22 -22.09 11.12
C ALA D 10 -2.85 -22.95 12.19
N ASP D 11 -3.84 -23.75 11.78
CA ASP D 11 -4.34 -24.81 12.65
C ASP D 11 -3.54 -26.08 12.37
N HIS D 12 -3.96 -27.16 13.00
CA HIS D 12 -3.30 -28.48 12.85
C HIS D 12 -3.13 -28.90 11.40
N ALA D 13 -4.11 -28.59 10.53
CA ALA D 13 -4.05 -29.02 9.13
C ALA D 13 -3.05 -28.24 8.25
N GLY D 14 -2.65 -27.04 8.71
CA GLY D 14 -1.60 -26.27 8.05
C GLY D 14 -0.29 -26.18 8.82
N TYR D 15 -0.23 -26.89 9.95
CA TYR D 15 0.89 -26.77 10.90
C TYR D 15 2.24 -27.18 10.27
N GLU D 16 2.27 -28.35 9.65
CA GLU D 16 3.52 -28.84 9.07
C GLU D 16 4.01 -27.93 7.94
N LEU D 17 3.10 -27.54 7.06
CA LEU D 17 3.44 -26.63 5.98
C LEU D 17 3.90 -25.29 6.55
N LYS D 18 3.23 -24.79 7.58
CA LYS D 18 3.68 -23.54 8.19
C LYS D 18 5.14 -23.61 8.62
N GLN D 19 5.52 -24.69 9.30
CA GLN D 19 6.88 -24.81 9.77
C GLN D 19 7.88 -24.81 8.60
N ARG D 20 7.54 -25.52 7.52
CA ARG D 20 8.33 -25.52 6.29
C ARG D 20 8.44 -24.13 5.65
N ILE D 21 7.32 -23.38 5.63
CA ILE D 21 7.33 -22.04 5.07
C ILE D 21 8.19 -21.10 5.92
N ILE D 22 8.10 -21.24 7.24
CA ILE D 22 8.94 -20.47 8.14
C ILE D 22 10.43 -20.66 7.79
N GLU D 23 10.83 -21.91 7.66
CA GLU D 23 12.22 -22.20 7.31
C GLU D 23 12.56 -21.60 5.95
N HIS D 24 11.67 -21.78 4.98
CA HIS D 24 11.88 -21.28 3.62
C HIS D 24 12.06 -19.76 3.61
N LEU D 25 11.21 -19.06 4.35
CA LEU D 25 11.29 -17.61 4.44
C LEU D 25 12.61 -17.16 5.09
N LYS D 26 13.03 -17.87 6.13
CA LYS D 26 14.33 -17.58 6.73
C LYS D 26 15.43 -17.71 5.68
N GLN D 27 15.41 -18.81 4.94
CA GLN D 27 16.45 -19.10 3.94
C GLN D 27 16.47 -18.15 2.75
N THR D 28 15.34 -17.51 2.46
CA THR D 28 15.22 -16.62 1.32
C THR D 28 15.22 -15.14 1.68
N GLY D 29 15.60 -14.85 2.93
CA GLY D 29 15.92 -13.49 3.34
C GLY D 29 14.78 -12.69 3.98
N HIS D 30 13.71 -13.39 4.34
CA HIS D 30 12.56 -12.74 4.99
C HIS D 30 12.53 -12.97 6.49
N GLU D 31 11.55 -12.36 7.16
CA GLU D 31 11.45 -12.40 8.63
C GLU D 31 10.09 -13.00 9.04
N PRO D 32 10.02 -14.33 9.12
CA PRO D 32 8.76 -14.96 9.54
C PRO D 32 8.54 -14.82 11.05
N ILE D 33 7.29 -14.55 11.42
CA ILE D 33 6.87 -14.45 12.81
C ILE D 33 5.71 -15.43 13.01
N ASP D 34 5.90 -16.40 13.90
CA ASP D 34 4.93 -17.48 14.10
C ASP D 34 3.90 -17.08 15.15
N CYS D 35 2.65 -16.90 14.72
CA CYS D 35 1.54 -16.60 15.63
C CYS D 35 0.88 -17.85 16.24
N GLY D 36 1.33 -19.04 15.84
CA GLY D 36 0.73 -20.31 16.27
C GLY D 36 -0.09 -20.93 15.15
N ALA D 37 -0.44 -22.21 15.24
CA ALA D 37 -0.21 -23.07 16.39
C ALA D 37 1.27 -23.43 16.54
N LEU D 38 1.73 -23.51 17.78
CA LEU D 38 3.15 -23.82 18.03
C LEU D 38 3.42 -25.34 18.13
N ARG D 39 2.36 -26.15 18.26
CA ARG D 39 2.44 -27.62 18.32
C ARG D 39 1.26 -28.21 17.55
N TYR D 40 1.37 -29.45 17.05
CA TYR D 40 0.23 -30.14 16.39
C TYR D 40 -0.78 -30.53 17.46
N ASP D 41 -2.00 -30.08 17.29
CA ASP D 41 -3.12 -30.54 18.09
C ASP D 41 -4.23 -30.82 17.08
N ALA D 42 -4.47 -32.11 16.84
CA ALA D 42 -5.41 -32.57 15.82
C ALA D 42 -6.80 -31.95 15.92
N ASP D 43 -7.20 -31.49 17.12
CA ASP D 43 -8.53 -30.97 17.38
C ASP D 43 -8.65 -29.43 17.36
N ASP D 44 -7.54 -28.72 17.13
CA ASP D 44 -7.54 -27.28 17.36
C ASP D 44 -8.31 -26.52 16.29
N ASP D 45 -8.60 -25.26 16.61
CA ASP D 45 -9.60 -24.44 15.92
C ASP D 45 -8.92 -23.26 15.20
N TYR D 46 -9.04 -23.20 13.86
CA TYR D 46 -8.29 -22.19 13.07
C TYR D 46 -8.55 -20.70 13.40
N PRO D 47 -9.78 -20.31 13.77
CA PRO D 47 -10.00 -18.81 13.83
C PRO D 47 -9.01 -17.99 14.65
N ALA D 48 -8.71 -18.42 15.88
CA ALA D 48 -7.82 -17.64 16.75
C ALA D 48 -6.48 -17.37 16.08
N PHE D 49 -5.92 -18.38 15.42
CA PHE D 49 -4.59 -18.21 14.81
C PHE D 49 -4.58 -17.25 13.59
N CYS D 50 -5.64 -17.34 12.80
CA CYS D 50 -5.81 -16.52 11.61
C CYS D 50 -6.15 -15.06 11.97
N ILE D 51 -7.04 -14.87 12.93
CA ILE D 51 -7.30 -13.53 13.47
C ILE D 51 -6.03 -12.90 14.05
N ALA D 52 -5.25 -13.68 14.79
CA ALA D 52 -3.96 -13.19 15.35
C ALA D 52 -3.05 -12.68 14.23
N ALA D 53 -2.84 -13.53 13.22
CA ALA D 53 -1.93 -13.17 12.12
C ALA D 53 -2.42 -11.92 11.38
N ALA D 54 -3.71 -11.88 11.08
CA ALA D 54 -4.27 -10.76 10.36
C ALA D 54 -4.23 -9.47 11.14
N THR D 55 -4.53 -9.56 12.42
CA THR D 55 -4.54 -8.39 13.29
C THR D 55 -3.11 -7.81 13.39
N ARG D 56 -2.13 -8.69 13.60
CA ARG D 56 -0.73 -8.25 13.69
C ARG D 56 -0.22 -7.63 12.38
N THR D 57 -0.61 -8.24 11.27
CA THR D 57 -0.26 -7.73 9.95
C THR D 57 -0.82 -6.32 9.73
N VAL D 58 -2.12 -6.12 9.98
CA VAL D 58 -2.73 -4.78 9.78
C VAL D 58 -2.04 -3.73 10.68
N ALA D 59 -1.70 -4.11 11.90
CA ALA D 59 -1.08 -3.17 12.87
C ALA D 59 0.40 -2.86 12.60
N ASP D 60 0.98 -3.57 11.64
CA ASP D 60 2.38 -3.42 11.27
C ASP D 60 2.45 -3.19 9.76
N PRO D 61 2.04 -1.98 9.33
CA PRO D 61 1.96 -1.75 7.87
C PRO D 61 3.28 -2.02 7.17
N GLY D 62 3.20 -2.62 5.99
CA GLY D 62 4.36 -3.06 5.26
C GLY D 62 4.68 -4.53 5.45
N SER D 63 4.18 -5.12 6.54
CA SER D 63 4.27 -6.56 6.74
C SER D 63 3.22 -7.28 5.87
N LEU D 64 3.44 -8.59 5.72
CA LEU D 64 2.54 -9.50 5.03
C LEU D 64 2.18 -10.60 6.03
N GLY D 65 1.20 -11.40 5.67
CA GLY D 65 0.75 -12.50 6.51
C GLY D 65 0.34 -13.69 5.67
N ILE D 66 0.47 -14.88 6.24
CA ILE D 66 0.05 -16.10 5.58
C ILE D 66 -0.68 -16.97 6.59
N VAL D 67 -1.90 -17.39 6.27
CA VAL D 67 -2.69 -18.24 7.13
C VAL D 67 -2.92 -19.57 6.44
N LEU D 68 -2.72 -20.65 7.17
CA LEU D 68 -2.79 -21.98 6.61
C LEU D 68 -3.76 -22.88 7.36
N GLY D 69 -4.45 -23.71 6.60
CA GLY D 69 -5.35 -24.72 7.15
C GLY D 69 -5.43 -25.84 6.12
N GLY D 70 -6.40 -26.70 6.25
CA GLY D 70 -6.57 -27.78 5.25
C GLY D 70 -6.78 -27.23 3.85
N SER D 71 -7.77 -26.34 3.73
CA SER D 71 -8.10 -25.71 2.46
C SER D 71 -7.68 -24.25 2.35
N GLY D 72 -7.52 -23.58 3.49
CA GLY D 72 -7.20 -22.15 3.52
C GLY D 72 -8.44 -21.25 3.46
N ASN D 73 -9.61 -21.83 3.20
CA ASN D 73 -10.80 -21.00 3.00
C ASN D 73 -11.38 -20.47 4.30
N GLY D 74 -11.60 -21.34 5.30
CA GLY D 74 -12.06 -20.83 6.61
C GLY D 74 -11.04 -19.84 7.16
N GLU D 75 -9.77 -20.10 6.85
CA GLU D 75 -8.64 -19.29 7.33
C GLU D 75 -8.66 -17.88 6.74
N GLN D 76 -8.78 -17.77 5.43
CA GLN D 76 -8.95 -16.44 4.81
C GLN D 76 -10.27 -15.74 5.23
N ILE D 77 -11.34 -16.49 5.41
CA ILE D 77 -12.62 -15.90 5.85
C ILE D 77 -12.40 -15.25 7.22
N ALA D 78 -11.74 -15.98 8.14
CA ALA D 78 -11.44 -15.44 9.45
C ALA D 78 -10.52 -14.22 9.36
N ALA D 79 -9.46 -14.30 8.57
CA ALA D 79 -8.55 -13.17 8.41
C ALA D 79 -9.33 -11.93 7.91
N ASN D 80 -10.25 -12.16 6.97
CA ASN D 80 -10.98 -11.07 6.36
C ASN D 80 -11.97 -10.39 7.30
N LYS D 81 -12.28 -11.01 8.44
CA LYS D 81 -13.12 -10.34 9.43
C LYS D 81 -12.36 -9.26 10.18
N VAL D 82 -11.04 -9.31 10.15
CA VAL D 82 -10.21 -8.30 10.83
C VAL D 82 -10.28 -6.94 10.13
N PRO D 83 -10.63 -5.88 10.87
CA PRO D 83 -10.66 -4.55 10.24
C PRO D 83 -9.38 -4.22 9.50
N GLY D 84 -9.51 -3.85 8.23
CA GLY D 84 -8.38 -3.44 7.44
C GLY D 84 -7.63 -4.55 6.72
N ALA D 85 -7.97 -5.81 7.01
CA ALA D 85 -7.29 -6.95 6.38
C ALA D 85 -7.89 -7.23 5.02
N ARG D 86 -7.03 -7.60 4.08
CA ARG D 86 -7.46 -8.14 2.79
C ARG D 86 -6.69 -9.44 2.59
N CYS D 87 -7.39 -10.56 2.70
CA CYS D 87 -6.77 -11.90 2.60
C CYS D 87 -7.31 -12.68 1.39
N ALA D 88 -6.43 -12.89 0.42
CA ALA D 88 -6.75 -13.68 -0.77
C ALA D 88 -6.55 -15.15 -0.47
N LEU D 89 -7.16 -16.03 -1.25
CA LEU D 89 -6.85 -17.47 -1.17
C LEU D 89 -5.88 -17.69 -2.32
N ALA D 90 -4.66 -18.08 -2.02
CA ALA D 90 -3.63 -18.28 -3.06
C ALA D 90 -3.54 -19.79 -3.35
N TRP D 91 -3.89 -20.18 -4.58
CA TRP D 91 -3.87 -21.60 -4.97
C TRP D 91 -2.95 -21.85 -6.18
N SER D 92 -2.23 -20.81 -6.59
CA SER D 92 -1.33 -20.85 -7.73
C SER D 92 -0.37 -19.65 -7.67
N VAL D 93 0.72 -19.72 -8.43
CA VAL D 93 1.63 -18.58 -8.53
C VAL D 93 0.88 -17.37 -9.09
N GLN D 94 0.01 -17.59 -10.07
CA GLN D 94 -0.78 -16.50 -10.66
C GLN D 94 -1.67 -15.80 -9.64
N THR D 95 -2.41 -16.58 -8.87
CA THR D 95 -3.32 -15.98 -7.87
C THR D 95 -2.58 -15.30 -6.72
N ALA D 96 -1.43 -15.84 -6.31
CA ALA D 96 -0.61 -15.14 -5.30
C ALA D 96 -0.14 -13.78 -5.83
N ALA D 97 0.33 -13.76 -7.07
CA ALA D 97 0.80 -12.53 -7.67
C ALA D 97 -0.32 -11.49 -7.83
N LEU D 98 -1.46 -11.94 -8.35
CA LEU D 98 -2.61 -11.03 -8.57
C LEU D 98 -3.11 -10.51 -7.24
N ALA D 99 -3.06 -11.34 -6.20
CA ALA D 99 -3.49 -10.86 -4.86
C ALA D 99 -2.72 -9.59 -4.45
N ARG D 100 -1.41 -9.56 -4.70
CA ARG D 100 -0.61 -8.35 -4.47
C ARG D 100 -0.92 -7.28 -5.51
N GLU D 101 -0.80 -7.64 -6.79
CA GLU D 101 -0.90 -6.68 -7.90
C GLU D 101 -2.22 -5.92 -7.96
N HIS D 102 -3.32 -6.66 -7.87
CA HIS D 102 -4.67 -6.13 -8.00
C HIS D 102 -5.31 -5.77 -6.66
N ASN D 103 -5.18 -6.67 -5.68
CA ASN D 103 -5.94 -6.53 -4.42
C ASN D 103 -5.18 -5.85 -3.29
N ASN D 104 -3.89 -5.60 -3.51
CA ASN D 104 -2.99 -5.16 -2.44
C ASN D 104 -3.21 -6.02 -1.18
N ALA D 105 -3.39 -7.33 -1.37
CA ALA D 105 -3.72 -8.20 -0.24
C ALA D 105 -2.50 -8.26 0.66
N GLN D 106 -2.68 -7.95 1.95
CA GLN D 106 -1.56 -8.13 2.89
C GLN D 106 -1.40 -9.59 3.31
N LEU D 107 -2.46 -10.39 3.18
CA LEU D 107 -2.42 -11.79 3.54
C LEU D 107 -2.91 -12.70 2.41
N ILE D 108 -2.40 -13.93 2.45
CA ILE D 108 -3.01 -15.01 1.70
C ILE D 108 -3.31 -16.20 2.61
N GLY D 109 -4.37 -16.92 2.28
CA GLY D 109 -4.58 -18.27 2.79
C GLY D 109 -4.01 -19.31 1.82
N ILE D 110 -3.48 -20.39 2.38
CA ILE D 110 -3.01 -21.54 1.59
C ILE D 110 -3.57 -22.83 2.21
N GLY D 111 -4.10 -23.72 1.37
CA GLY D 111 -4.59 -25.01 1.84
C GLY D 111 -3.43 -26.00 1.86
N GLY D 112 -3.06 -26.42 3.06
CA GLY D 112 -1.98 -27.39 3.21
C GLY D 112 -2.29 -28.74 2.60
N ARG D 113 -3.56 -29.09 2.52
CA ARG D 113 -3.98 -30.40 2.00
C ARG D 113 -4.11 -30.40 0.47
N MET D 114 -3.85 -29.24 -0.15
CA MET D 114 -4.14 -29.03 -1.56
C MET D 114 -2.95 -28.98 -2.49
N HIS D 115 -1.75 -28.86 -1.93
CA HIS D 115 -0.55 -28.64 -2.71
C HIS D 115 0.60 -29.49 -2.20
N THR D 116 1.55 -29.77 -3.08
CA THR D 116 2.84 -30.30 -2.66
C THR D 116 3.60 -29.16 -2.00
N VAL D 117 4.60 -29.51 -1.20
CA VAL D 117 5.45 -28.49 -0.60
C VAL D 117 6.07 -27.58 -1.66
N ALA D 118 6.64 -28.16 -2.72
CA ALA D 118 7.19 -27.37 -3.83
C ALA D 118 6.20 -26.33 -4.36
N GLU D 119 4.97 -26.77 -4.62
CA GLU D 119 3.90 -25.89 -5.11
C GLU D 119 3.62 -24.76 -4.10
N ALA D 120 3.48 -25.14 -2.83
CA ALA D 120 3.21 -24.15 -1.76
C ALA D 120 4.33 -23.13 -1.64
N LEU D 121 5.59 -23.59 -1.70
CA LEU D 121 6.70 -22.63 -1.64
C LEU D 121 6.76 -21.70 -2.84
N ALA D 122 6.38 -22.19 -4.04
CA ALA D 122 6.34 -21.33 -5.22
C ALA D 122 5.25 -20.23 -5.06
N ILE D 123 4.14 -20.62 -4.47
CA ILE D 123 3.05 -19.67 -4.14
C ILE D 123 3.55 -18.61 -3.15
N VAL D 124 4.23 -19.05 -2.10
CA VAL D 124 4.83 -18.11 -1.12
C VAL D 124 5.81 -17.13 -1.77
N ASP D 125 6.70 -17.65 -2.62
CA ASP D 125 7.67 -16.79 -3.29
C ASP D 125 6.96 -15.70 -4.11
N ALA D 126 5.91 -16.08 -4.84
CA ALA D 126 5.15 -15.15 -5.67
C ALA D 126 4.52 -14.06 -4.77
N PHE D 127 3.97 -14.50 -3.67
CA PHE D 127 3.31 -13.58 -2.74
C PHE D 127 4.24 -12.54 -2.12
N VAL D 128 5.42 -12.97 -1.67
CA VAL D 128 6.31 -12.08 -0.96
C VAL D 128 7.20 -11.21 -1.86
N THR D 129 7.22 -11.52 -3.16
CA THR D 129 8.03 -10.76 -4.12
C THR D 129 7.23 -9.84 -5.05
N THR D 130 5.96 -10.15 -5.31
CA THR D 130 5.16 -9.40 -6.28
C THR D 130 4.72 -8.05 -5.70
N PRO D 131 5.04 -6.93 -6.38
CA PRO D 131 4.63 -5.64 -5.86
C PRO D 131 3.15 -5.33 -6.07
N TRP D 132 2.62 -4.54 -5.13
CA TRP D 132 1.34 -3.86 -5.32
C TRP D 132 1.48 -2.88 -6.50
N SER D 133 0.53 -2.95 -7.45
CA SER D 133 0.62 -2.16 -8.70
C SER D 133 0.44 -0.66 -8.50
N LYS D 134 -0.41 -0.27 -7.53
CA LYS D 134 -0.82 1.12 -7.31
C LYS D 134 -1.66 1.71 -8.45
N ALA D 135 -2.19 0.84 -9.33
CA ALA D 135 -3.00 1.32 -10.47
C ALA D 135 -4.27 1.97 -9.99
N GLN D 136 -4.65 3.05 -10.66
CA GLN D 136 -5.82 3.86 -10.26
C GLN D 136 -7.11 3.03 -10.03
N ARG D 137 -7.45 2.14 -10.95
CA ARG D 137 -8.71 1.40 -10.82
C ARG D 137 -8.70 0.46 -9.61
N HIS D 138 -7.55 -0.13 -9.32
CA HIS D 138 -7.42 -1.04 -8.19
C HIS D 138 -7.53 -0.25 -6.88
N GLN D 139 -6.84 0.88 -6.80
CA GLN D 139 -6.94 1.77 -5.64
C GLN D 139 -8.40 2.18 -5.42
N ARG D 140 -9.10 2.51 -6.51
CA ARG D 140 -10.50 2.96 -6.40
C ARG D 140 -11.40 1.88 -5.76
N ARG D 141 -11.24 0.66 -6.25
CA ARG D 141 -11.98 -0.50 -5.79
C ARG D 141 -11.68 -0.83 -4.33
N ILE D 142 -10.40 -0.82 -3.99
CA ILE D 142 -9.97 -1.01 -2.58
C ILE D 142 -10.61 0.08 -1.69
N ASP D 143 -10.61 1.32 -2.17
CA ASP D 143 -11.22 2.43 -1.41
C ASP D 143 -12.73 2.25 -1.22
N ILE D 144 -13.43 1.76 -2.23
CA ILE D 144 -14.88 1.50 -2.10
C ILE D 144 -15.12 0.45 -1.02
N LEU D 145 -14.37 -0.64 -1.07
CA LEU D 145 -14.52 -1.69 -0.07
C LEU D 145 -14.16 -1.16 1.34
N ALA D 146 -13.11 -0.36 1.44
CA ALA D 146 -12.70 0.16 2.76
C ALA D 146 -13.79 1.07 3.31
N GLU D 147 -14.41 1.87 2.46
CA GLU D 147 -15.50 2.72 2.91
C GLU D 147 -16.68 1.89 3.41
N TYR D 148 -16.97 0.78 2.72
CA TYR D 148 -18.02 -0.14 3.18
C TYR D 148 -17.67 -0.72 4.55
N GLU D 149 -16.42 -1.15 4.70
CA GLU D 149 -15.95 -1.68 5.98
C GLU D 149 -16.13 -0.64 7.12
N ARG D 150 -15.88 0.63 6.78
CA ARG D 150 -15.97 1.75 7.72
C ARG D 150 -17.37 1.96 8.27
N THR D 151 -18.38 1.95 7.38
CA THR D 151 -19.75 2.34 7.72
C THR D 151 -20.78 1.19 7.66
N HIS D 152 -20.42 0.11 6.96
CA HIS D 152 -21.33 -0.99 6.64
C HIS D 152 -22.61 -0.56 5.91
N GLU D 153 -22.52 0.56 5.20
CA GLU D 153 -23.57 1.00 4.31
C GLU D 153 -23.21 0.52 2.90
N ALA D 154 -23.99 -0.43 2.39
CA ALA D 154 -23.71 -1.05 1.08
C ALA D 154 -23.73 0.03 -0.01
N PRO D 155 -22.67 0.10 -0.84
CA PRO D 155 -22.70 1.14 -1.86
C PRO D 155 -23.64 0.75 -3.01
N PRO D 156 -24.36 1.70 -3.59
CA PRO D 156 -25.31 1.27 -4.63
C PRO D 156 -24.61 0.74 -5.88
N VAL D 157 -25.23 -0.22 -6.58
CA VAL D 157 -24.72 -0.72 -7.86
C VAL D 157 -25.07 0.34 -8.92
N PRO D 158 -24.39 0.29 -10.09
CA PRO D 158 -24.70 1.25 -11.16
C PRO D 158 -26.14 1.18 -11.69
N GLY E 3 31.40 0.22 -27.89
CA GLY E 3 30.02 -0.24 -27.54
C GLY E 3 28.96 0.45 -28.38
N MET E 4 27.70 0.17 -28.08
CA MET E 4 26.56 0.71 -28.81
C MET E 4 25.90 1.82 -27.99
N ARG E 5 25.47 2.90 -28.66
CA ARG E 5 24.52 3.81 -28.06
C ARG E 5 23.12 3.19 -28.18
N VAL E 6 22.41 3.10 -27.07
CA VAL E 6 21.12 2.45 -27.04
C VAL E 6 20.09 3.37 -26.37
N TYR E 7 19.06 3.76 -27.12
CA TYR E 7 17.94 4.57 -26.58
C TYR E 7 16.88 3.66 -25.97
N LEU E 8 16.55 3.88 -24.70
CA LEU E 8 15.52 3.07 -24.05
C LEU E 8 14.26 3.86 -23.70
N GLY E 9 13.10 3.23 -23.88
CA GLY E 9 11.83 3.79 -23.42
C GLY E 9 10.97 2.69 -22.80
N ALA E 10 10.18 3.05 -21.78
CA ALA E 10 9.32 2.06 -21.14
C ALA E 10 8.23 2.73 -20.35
N ASP E 11 7.07 2.07 -20.29
CA ASP E 11 6.01 2.50 -19.38
C ASP E 11 6.25 1.82 -18.02
N HIS E 12 5.31 2.03 -17.11
CA HIS E 12 5.37 1.44 -15.75
C HIS E 12 5.60 -0.07 -15.69
N ALA E 13 5.03 -0.81 -16.66
CA ALA E 13 5.14 -2.27 -16.67
C ALA E 13 6.52 -2.75 -17.11
N GLY E 14 7.25 -1.90 -17.83
CA GLY E 14 8.62 -2.21 -18.20
C GLY E 14 9.69 -1.43 -17.46
N TYR E 15 9.25 -0.57 -16.54
CA TYR E 15 10.14 0.39 -15.87
C TYR E 15 11.25 -0.27 -15.08
N GLU E 16 10.89 -1.22 -14.20
CA GLU E 16 11.93 -1.87 -13.38
C GLU E 16 12.95 -2.60 -14.25
N LEU E 17 12.48 -3.31 -15.29
CA LEU E 17 13.38 -4.02 -16.17
C LEU E 17 14.25 -3.05 -16.95
N LYS E 18 13.66 -1.94 -17.42
CA LYS E 18 14.45 -0.91 -18.11
C LYS E 18 15.64 -0.47 -17.25
N GLN E 19 15.38 -0.22 -15.97
CA GLN E 19 16.45 0.27 -15.10
C GLN E 19 17.55 -0.77 -14.95
N ARG E 20 17.19 -2.04 -14.82
CA ARG E 20 18.19 -3.14 -14.80
C ARG E 20 18.98 -3.22 -16.10
N ILE E 21 18.31 -3.04 -17.24
CA ILE E 21 18.99 -3.10 -18.52
C ILE E 21 19.95 -1.93 -18.67
N ILE E 22 19.55 -0.74 -18.20
CA ILE E 22 20.41 0.43 -18.27
C ILE E 22 21.71 0.12 -17.51
N GLU E 23 21.58 -0.40 -16.29
CA GLU E 23 22.76 -0.78 -15.49
C GLU E 23 23.60 -1.85 -16.18
N HIS E 24 22.94 -2.85 -16.75
CA HIS E 24 23.61 -3.92 -17.49
C HIS E 24 24.39 -3.39 -18.70
N LEU E 25 23.79 -2.50 -19.46
CA LEU E 25 24.43 -1.93 -20.65
C LEU E 25 25.66 -1.09 -20.28
N LYS E 26 25.55 -0.34 -19.19
CA LYS E 26 26.69 0.42 -18.66
C LYS E 26 27.84 -0.53 -18.33
N GLN E 27 27.52 -1.59 -17.60
CA GLN E 27 28.52 -2.55 -17.15
C GLN E 27 29.21 -3.26 -18.31
N THR E 28 28.46 -3.49 -19.40
CA THR E 28 28.98 -4.25 -20.53
C THR E 28 29.54 -3.37 -21.65
N GLY E 29 29.77 -2.10 -21.34
CA GLY E 29 30.51 -1.23 -22.24
C GLY E 29 29.70 -0.43 -23.25
N HIS E 30 28.39 -0.38 -23.06
CA HIS E 30 27.48 0.34 -23.96
C HIS E 30 27.04 1.68 -23.36
N GLU E 31 26.32 2.46 -24.15
CA GLU E 31 25.92 3.82 -23.78
C GLU E 31 24.39 3.95 -23.77
N PRO E 32 23.72 3.53 -22.67
CA PRO E 32 22.28 3.64 -22.63
C PRO E 32 21.83 5.10 -22.42
N ILE E 33 20.76 5.49 -23.10
CA ILE E 33 20.16 6.81 -22.97
C ILE E 33 18.70 6.59 -22.64
N ASP E 34 18.27 7.09 -21.48
CA ASP E 34 16.94 6.80 -20.97
C ASP E 34 15.97 7.86 -21.48
N CYS E 35 15.02 7.45 -22.32
CA CYS E 35 13.99 8.35 -22.82
C CYS E 35 12.77 8.49 -21.90
N GLY E 36 12.75 7.72 -20.80
CA GLY E 36 11.63 7.66 -19.86
C GLY E 36 10.86 6.37 -20.05
N ALA E 37 10.00 5.98 -19.10
CA ALA E 37 9.67 6.76 -17.90
C ALA E 37 10.82 6.80 -16.91
N LEU E 38 11.03 7.95 -16.29
CA LEU E 38 12.15 8.13 -15.38
C LEU E 38 11.84 7.63 -13.96
N ARG E 39 10.56 7.50 -13.66
CA ARG E 39 10.16 6.80 -12.46
C ARG E 39 8.88 6.01 -12.68
N TYR E 40 8.55 5.17 -11.70
CA TYR E 40 7.37 4.33 -11.81
C TYR E 40 6.11 5.16 -11.61
N ASP E 41 5.24 5.15 -12.62
CA ASP E 41 3.90 5.71 -12.52
C ASP E 41 2.95 4.66 -13.04
N ALA E 42 2.21 4.03 -12.12
CA ALA E 42 1.36 2.87 -12.42
C ALA E 42 0.34 3.09 -13.53
N ASP E 43 -0.02 4.35 -13.80
CA ASP E 43 -1.06 4.64 -14.78
C ASP E 43 -0.55 5.20 -16.12
N ASP E 44 0.76 5.30 -16.28
CA ASP E 44 1.30 5.99 -17.46
C ASP E 44 1.10 5.20 -18.75
N ASP E 45 1.24 5.93 -19.87
CA ASP E 45 0.88 5.47 -21.21
C ASP E 45 2.12 5.25 -22.08
N TYR E 46 2.28 4.02 -22.55
CA TYR E 46 3.49 3.62 -23.29
C TYR E 46 3.80 4.41 -24.57
N PRO E 47 2.79 4.82 -25.37
CA PRO E 47 3.18 5.33 -26.71
C PRO E 47 4.26 6.42 -26.75
N ALA E 48 4.13 7.43 -25.90
CA ALA E 48 5.07 8.55 -25.94
C ALA E 48 6.51 8.12 -25.74
N PHE E 49 6.74 7.20 -24.81
CA PHE E 49 8.10 6.75 -24.50
C PHE E 49 8.69 5.94 -25.66
N CYS E 50 7.84 5.13 -26.30
CA CYS E 50 8.28 4.26 -27.40
C CYS E 50 8.52 5.06 -28.67
N ILE E 51 7.64 6.02 -28.94
CA ILE E 51 7.85 6.96 -30.06
C ILE E 51 9.12 7.78 -29.85
N ALA E 52 9.37 8.24 -28.62
CA ALA E 52 10.60 8.96 -28.29
C ALA E 52 11.84 8.12 -28.64
N ALA E 53 11.88 6.92 -28.10
CA ALA E 53 13.04 6.05 -28.30
C ALA E 53 13.21 5.73 -29.80
N ALA E 54 12.12 5.42 -30.49
CA ALA E 54 12.21 5.06 -31.91
C ALA E 54 12.68 6.26 -32.74
N THR E 55 12.12 7.44 -32.45
CA THR E 55 12.48 8.65 -33.21
C THR E 55 13.96 9.02 -33.01
N ARG E 56 14.43 8.95 -31.77
CA ARG E 56 15.84 9.26 -31.48
C ARG E 56 16.80 8.26 -32.10
N THR E 57 16.40 6.98 -32.10
CA THR E 57 17.20 5.90 -32.69
C THR E 57 17.35 6.14 -34.19
N VAL E 58 16.25 6.41 -34.87
CA VAL E 58 16.28 6.65 -36.33
C VAL E 58 17.07 7.91 -36.68
N ALA E 59 16.97 8.94 -35.85
CA ALA E 59 17.68 10.20 -36.05
C ALA E 59 19.20 10.10 -35.76
N ASP E 60 19.64 8.96 -35.23
CA ASP E 60 21.03 8.76 -34.80
C ASP E 60 21.56 7.45 -35.41
N PRO E 61 21.87 7.49 -36.72
CA PRO E 61 22.29 6.28 -37.41
C PRO E 61 23.44 5.57 -36.68
N GLY E 62 23.35 4.25 -36.56
CA GLY E 62 24.35 3.44 -35.88
C GLY E 62 23.97 3.12 -34.45
N SER E 63 22.99 3.83 -33.90
CA SER E 63 22.47 3.53 -32.58
C SER E 63 21.40 2.45 -32.67
N LEU E 64 21.05 1.91 -31.51
CA LEU E 64 19.94 0.98 -31.37
C LEU E 64 18.98 1.48 -30.30
N GLY E 65 17.86 0.81 -30.18
CA GLY E 65 16.82 1.20 -29.22
C GLY E 65 16.13 -0.02 -28.66
N ILE E 66 15.63 0.10 -27.43
CA ILE E 66 14.89 -0.96 -26.78
C ILE E 66 13.67 -0.34 -26.11
N VAL E 67 12.49 -0.86 -26.40
CA VAL E 67 11.27 -0.39 -25.77
C VAL E 67 10.67 -1.52 -24.94
N LEU E 68 10.21 -1.18 -23.73
CA LEU E 68 9.78 -2.17 -22.76
C LEU E 68 8.38 -1.82 -22.26
N GLY E 69 7.55 -2.86 -22.14
CA GLY E 69 6.27 -2.77 -21.47
C GLY E 69 5.99 -4.12 -20.85
N GLY E 70 4.71 -4.37 -20.56
CA GLY E 70 4.31 -5.67 -20.02
C GLY E 70 4.62 -6.80 -20.98
N SER E 71 4.14 -6.66 -22.21
CA SER E 71 4.28 -7.66 -23.28
C SER E 71 5.31 -7.23 -24.32
N GLY E 72 5.50 -5.92 -24.45
CA GLY E 72 6.35 -5.39 -25.53
C GLY E 72 5.61 -5.20 -26.85
N ASN E 73 4.39 -5.71 -26.96
CA ASN E 73 3.67 -5.64 -28.26
C ASN E 73 3.10 -4.26 -28.60
N GLY E 74 2.35 -3.64 -27.69
CA GLY E 74 1.94 -2.25 -27.93
C GLY E 74 3.13 -1.36 -28.18
N GLU E 75 4.23 -1.65 -27.50
CA GLU E 75 5.43 -0.85 -27.57
C GLU E 75 6.10 -0.92 -28.95
N GLN E 76 6.25 -2.14 -29.49
CA GLN E 76 6.86 -2.27 -30.82
C GLN E 76 5.89 -1.70 -31.87
N ILE E 77 4.59 -1.87 -31.66
CA ILE E 77 3.57 -1.30 -32.60
C ILE E 77 3.77 0.23 -32.71
N ALA E 78 3.84 0.89 -31.55
CA ALA E 78 4.08 2.32 -31.48
C ALA E 78 5.41 2.70 -32.14
N ALA E 79 6.49 1.99 -31.81
CA ALA E 79 7.80 2.25 -32.42
C ALA E 79 7.77 2.12 -33.94
N ASN E 80 7.05 1.09 -34.41
CA ASN E 80 6.94 0.84 -35.84
C ASN E 80 6.14 1.92 -36.60
N LYS E 81 5.39 2.75 -35.89
CA LYS E 81 4.74 3.89 -36.57
C LYS E 81 5.70 5.02 -36.89
N VAL E 82 6.87 5.04 -36.28
CA VAL E 82 7.86 6.07 -36.52
C VAL E 82 8.48 5.83 -37.90
N PRO E 83 8.45 6.84 -38.78
CA PRO E 83 9.07 6.69 -40.10
C PRO E 83 10.53 6.23 -40.01
N GLY E 84 10.87 5.20 -40.78
CA GLY E 84 12.21 4.68 -40.80
C GLY E 84 12.54 3.66 -39.72
N ALA E 85 11.66 3.49 -38.72
CA ALA E 85 11.92 2.52 -37.65
C ALA E 85 11.55 1.11 -38.05
N ARG E 86 12.38 0.15 -37.63
CA ARG E 86 12.04 -1.27 -37.69
C ARG E 86 12.23 -1.82 -36.30
N CYS E 87 11.12 -2.17 -35.65
CA CYS E 87 11.14 -2.66 -34.27
C CYS E 87 10.58 -4.10 -34.18
N ALA E 88 11.47 -5.04 -33.87
CA ALA E 88 11.08 -6.44 -33.69
C ALA E 88 10.60 -6.64 -32.25
N LEU E 89 9.82 -7.68 -32.00
CA LEU E 89 9.53 -8.14 -30.63
C LEU E 89 10.53 -9.25 -30.37
N ALA E 90 11.44 -9.02 -29.42
CA ALA E 90 12.47 -10.00 -29.03
C ALA E 90 11.97 -10.77 -27.82
N TRP E 91 11.75 -12.07 -27.99
CA TRP E 91 11.27 -12.93 -26.90
C TRP E 91 12.21 -14.10 -26.59
N SER E 92 13.37 -14.07 -27.24
CA SER E 92 14.38 -15.11 -27.13
C SER E 92 15.69 -14.61 -27.69
N VAL E 93 16.79 -15.28 -27.34
CA VAL E 93 18.05 -14.93 -27.92
C VAL E 93 17.98 -15.07 -29.45
N GLN E 94 17.31 -16.11 -29.94
CA GLN E 94 17.24 -16.36 -31.38
C GLN E 94 16.54 -15.20 -32.11
N THR E 95 15.40 -14.78 -31.58
CA THR E 95 14.63 -13.70 -32.23
C THR E 95 15.35 -12.31 -32.13
N ALA E 96 16.03 -12.06 -31.01
CA ALA E 96 16.88 -10.88 -30.90
C ALA E 96 17.96 -10.88 -31.99
N ALA E 97 18.62 -12.03 -32.16
CA ALA E 97 19.67 -12.18 -33.15
C ALA E 97 19.13 -11.99 -34.58
N LEU E 98 18.04 -12.68 -34.88
CA LEU E 98 17.44 -12.62 -36.21
C LEU E 98 16.92 -11.22 -36.54
N ALA E 99 16.42 -10.51 -35.52
CA ALA E 99 16.02 -9.10 -35.69
C ALA E 99 17.13 -8.28 -36.33
N ARG E 100 18.37 -8.45 -35.85
CA ARG E 100 19.50 -7.75 -36.41
C ARG E 100 19.89 -8.38 -37.74
N GLU E 101 20.02 -9.70 -37.76
CA GLU E 101 20.57 -10.42 -38.93
C GLU E 101 19.74 -10.27 -40.19
N HIS E 102 18.44 -10.52 -40.03
CA HIS E 102 17.47 -10.51 -41.15
C HIS E 102 16.81 -9.16 -41.34
N ASN E 103 16.37 -8.55 -40.24
CA ASN E 103 15.50 -7.37 -40.35
C ASN E 103 16.25 -6.04 -40.26
N ASN E 104 17.52 -6.10 -39.89
CA ASN E 104 18.31 -4.91 -39.56
C ASN E 104 17.49 -4.04 -38.61
N ALA E 105 16.81 -4.67 -37.66
CA ALA E 105 15.94 -3.91 -36.77
C ALA E 105 16.80 -2.98 -35.92
N GLN E 106 16.51 -1.69 -35.90
CA GLN E 106 17.24 -0.79 -34.99
C GLN E 106 16.69 -0.85 -33.55
N LEU E 107 15.49 -1.39 -33.38
CA LEU E 107 14.87 -1.51 -32.06
C LEU E 107 14.32 -2.90 -31.83
N ILE E 108 14.23 -3.26 -30.56
CA ILE E 108 13.42 -4.37 -30.16
C ILE E 108 12.49 -3.94 -29.03
N GLY E 109 11.32 -4.56 -28.98
CA GLY E 109 10.46 -4.52 -27.81
C GLY E 109 10.72 -5.76 -26.98
N ILE E 110 10.64 -5.58 -25.66
CA ILE E 110 10.70 -6.70 -24.71
C ILE E 110 9.56 -6.60 -23.71
N GLY E 111 8.88 -7.71 -23.48
CA GLY E 111 7.83 -7.80 -22.49
C GLY E 111 8.46 -8.15 -21.14
N GLY E 112 8.51 -7.15 -20.25
CA GLY E 112 9.06 -7.34 -18.90
C GLY E 112 8.31 -8.34 -18.01
N ARG E 113 7.04 -8.59 -18.30
CA ARG E 113 6.28 -9.59 -17.55
C ARG E 113 6.50 -11.03 -18.07
N MET E 114 7.25 -11.17 -19.16
CA MET E 114 7.34 -12.45 -19.86
C MET E 114 8.62 -13.22 -19.59
N HIS E 115 9.59 -12.57 -18.95
CA HIS E 115 10.93 -13.15 -18.78
C HIS E 115 11.50 -12.89 -17.40
N THR E 116 12.39 -13.77 -16.97
CA THR E 116 13.24 -13.50 -15.81
C THR E 116 14.24 -12.45 -16.25
N VAL E 117 14.81 -11.75 -15.29
CA VAL E 117 15.80 -10.71 -15.55
C VAL E 117 16.98 -11.29 -16.34
N ALA E 118 17.45 -12.48 -15.94
CA ALA E 118 18.54 -13.14 -16.64
C ALA E 118 18.20 -13.38 -18.11
N GLU E 119 16.98 -13.86 -18.35
CA GLU E 119 16.51 -14.15 -19.70
C GLU E 119 16.42 -12.87 -20.51
N ALA E 120 15.89 -11.81 -19.91
CA ALA E 120 15.86 -10.49 -20.55
C ALA E 120 17.25 -9.98 -20.92
N LEU E 121 18.23 -10.12 -20.02
CA LEU E 121 19.58 -9.60 -20.30
C LEU E 121 20.28 -10.40 -21.40
N ALA E 122 19.99 -11.69 -21.49
CA ALA E 122 20.52 -12.52 -22.57
C ALA E 122 19.98 -12.05 -23.92
N ILE E 123 18.69 -11.72 -23.94
CA ILE E 123 18.01 -11.14 -25.12
C ILE E 123 18.69 -9.82 -25.48
N VAL E 124 18.86 -8.94 -24.52
CA VAL E 124 19.56 -7.69 -24.77
C VAL E 124 20.98 -7.89 -25.35
N ASP E 125 21.76 -8.78 -24.71
CA ASP E 125 23.10 -9.07 -25.19
C ASP E 125 23.12 -9.50 -26.66
N ALA E 126 22.22 -10.40 -27.03
CA ALA E 126 22.11 -10.88 -28.41
C ALA E 126 21.79 -9.72 -29.37
N PHE E 127 20.89 -8.84 -28.93
CA PHE E 127 20.46 -7.74 -29.75
C PHE E 127 21.60 -6.76 -30.03
N VAL E 128 22.35 -6.41 -29.00
CA VAL E 128 23.40 -5.40 -29.12
C VAL E 128 24.75 -5.90 -29.69
N THR E 129 24.91 -7.22 -29.80
CA THR E 129 26.15 -7.77 -30.35
C THR E 129 26.00 -8.44 -31.72
N THR E 130 24.79 -8.80 -32.11
CA THR E 130 24.59 -9.51 -33.38
C THR E 130 24.66 -8.52 -34.55
N PRO E 131 25.56 -8.77 -35.51
CA PRO E 131 25.65 -7.88 -36.66
C PRO E 131 24.51 -8.03 -37.67
N TRP E 132 24.17 -6.93 -38.32
CA TRP E 132 23.32 -6.96 -39.52
C TRP E 132 24.07 -7.70 -40.62
N SER E 133 23.41 -8.67 -41.25
CA SER E 133 24.08 -9.55 -42.23
C SER E 133 24.53 -8.80 -43.49
N LYS E 134 23.73 -7.81 -43.92
CA LYS E 134 23.87 -7.13 -45.22
C LYS E 134 23.56 -8.04 -46.43
N ALA E 135 22.94 -9.19 -46.19
CA ALA E 135 22.62 -10.16 -47.25
C ALA E 135 21.64 -9.53 -48.24
N GLN E 136 21.87 -9.80 -49.52
CA GLN E 136 21.14 -9.13 -50.58
C GLN E 136 19.62 -9.28 -50.46
N ARG E 137 19.13 -10.46 -50.12
CA ARG E 137 17.68 -10.66 -50.12
C ARG E 137 17.06 -9.87 -48.97
N HIS E 138 17.78 -9.78 -47.85
CA HIS E 138 17.23 -9.06 -46.67
C HIS E 138 17.16 -7.57 -47.00
N GLN E 139 18.21 -7.05 -47.62
CA GLN E 139 18.23 -5.63 -47.99
C GLN E 139 17.11 -5.35 -49.01
N ARG E 140 16.93 -6.23 -49.98
CA ARG E 140 15.86 -6.05 -50.98
C ARG E 140 14.50 -5.89 -50.29
N ARG E 141 14.25 -6.75 -49.32
CA ARG E 141 12.99 -6.77 -48.59
C ARG E 141 12.83 -5.52 -47.72
N ILE E 142 13.87 -5.13 -47.01
CA ILE E 142 13.85 -3.89 -46.23
C ILE E 142 13.56 -2.69 -47.15
N ASP E 143 14.15 -2.71 -48.34
CA ASP E 143 13.95 -1.60 -49.26
C ASP E 143 12.50 -1.54 -49.77
N ILE E 144 11.89 -2.70 -50.00
CA ILE E 144 10.48 -2.75 -50.46
C ILE E 144 9.62 -2.14 -49.36
N LEU E 145 9.85 -2.55 -48.12
CA LEU E 145 9.08 -1.95 -47.01
C LEU E 145 9.29 -0.45 -46.90
N ALA E 146 10.54 0.02 -47.01
CA ALA E 146 10.85 1.46 -46.93
C ALA E 146 10.12 2.24 -48.04
N GLU E 147 10.05 1.66 -49.24
CA GLU E 147 9.36 2.32 -50.34
C GLU E 147 7.85 2.41 -50.06
N TYR E 148 7.28 1.36 -49.48
CA TYR E 148 5.88 1.38 -49.10
C TYR E 148 5.68 2.46 -48.01
N GLU E 149 6.61 2.56 -47.07
CA GLU E 149 6.47 3.60 -46.04
C GLU E 149 6.48 5.00 -46.67
N ARG E 150 7.27 5.17 -47.72
CA ARG E 150 7.43 6.45 -48.41
C ARG E 150 6.15 6.87 -49.14
N THR E 151 5.49 5.91 -49.80
CA THR E 151 4.40 6.22 -50.74
C THR E 151 3.02 5.72 -50.31
N HIS E 152 2.97 4.76 -49.39
CA HIS E 152 1.78 3.99 -49.05
C HIS E 152 1.06 3.34 -50.23
N GLU E 153 1.81 3.09 -51.30
CA GLU E 153 1.31 2.33 -52.42
C GLU E 153 1.72 0.86 -52.25
N ALA E 154 0.72 0.03 -51.96
CA ALA E 154 0.94 -1.39 -51.68
C ALA E 154 1.62 -2.03 -52.89
N PRO E 155 2.74 -2.72 -52.67
CA PRO E 155 3.40 -3.36 -53.82
C PRO E 155 2.62 -4.57 -54.33
N PRO E 156 2.86 -4.96 -55.58
CA PRO E 156 2.10 -6.08 -56.14
C PRO E 156 2.38 -7.40 -55.45
N VAL E 157 1.36 -8.23 -55.32
CA VAL E 157 1.49 -9.53 -54.69
C VAL E 157 1.77 -10.57 -55.77
N PRO E 158 2.95 -11.22 -55.72
CA PRO E 158 3.26 -12.25 -56.68
C PRO E 158 2.17 -13.31 -56.69
N GLY E 159 1.70 -13.66 -57.87
CA GLY E 159 0.76 -14.77 -58.02
C GLY E 159 -0.69 -14.46 -57.68
N ALA E 160 -0.98 -13.23 -57.27
CA ALA E 160 -2.35 -12.86 -56.89
C ALA E 160 -3.27 -12.75 -58.10
C1 R5P F . 4.09 18.65 3.37
O1 R5P F . 3.67 18.49 4.51
C2 R5P F . 4.53 20.03 2.92
O2 R5P F . 3.52 20.99 3.24
C3 R5P F . 4.93 20.03 1.43
O3 R5P F . 5.92 21.03 1.19
C4 R5P F . 3.74 20.22 0.51
O4 R5P F . 2.83 19.13 0.72
C5 R5P F . 4.17 20.25 -0.96
O5 R5P F . 3.02 20.30 -1.85
P R5P F . 3.22 20.62 -3.42
O1P R5P F . 1.81 21.00 -3.89
O2P R5P F . 4.21 21.75 -3.50
O3P R5P F . 3.78 19.36 -4.05
C2 5RP G . 4.06 18.55 3.88
C3 5RP G . 4.15 19.82 3.10
C5 5RP G . 4.63 19.71 1.66
O13 5RP G . 5.68 20.65 1.38
C6 5RP G . 3.44 19.94 0.73
O14 5RP G . 2.53 18.83 0.84
C7 5RP G . 3.88 20.12 -0.71
O8 5RP G . 2.74 20.56 -1.45
P9 5RP G . 2.96 20.95 -2.99
O12 5RP G . 3.33 19.67 -3.69
O11 5RP G . 1.60 21.48 -3.43
O10 5RP G . 4.07 22.00 -3.00
O4 5RP G . 4.34 20.85 3.73
O1 5RP G . 3.60 18.68 5.24
C1 R5P H . 3.75 18.16 26.01
O1 R5P H . 4.12 18.27 24.84
C2 R5P H . 2.51 18.93 26.43
O2 R5P H . 2.73 20.31 26.13
C3 R5P H . 2.15 18.69 27.90
O3 R5P H . 0.74 18.85 28.06
C4 R5P H . 2.90 19.63 28.84
O4 R5P H . 4.29 19.24 28.85
C5 R5P H . 2.37 19.62 30.27
O5 R5P H . 3.08 20.59 31.03
P R5P H . 2.87 20.61 32.63
O1P R5P H . 1.38 20.75 32.77
O2P R5P H . 3.70 21.81 33.05
O3P R5P H . 3.38 19.30 33.15
C2 5RP I . 3.77 18.16 25.67
C3 5RP I . 2.90 19.06 26.50
C5 5RP I . 2.67 18.66 27.95
O13 5RP I . 1.26 18.62 28.23
C6 5RP I . 3.38 19.66 28.86
O14 5RP I . 4.78 19.64 28.55
C7 5RP I . 3.15 19.32 30.33
O8 5RP I . 3.73 20.32 31.16
P9 5RP I . 3.51 20.33 32.76
O12 5RP I . 4.16 19.09 33.30
O11 5RP I . 4.18 21.62 33.17
O10 5RP I . 2.04 20.34 33.01
O4 5RP I . 2.06 19.71 25.94
O1 5RP I . 4.01 18.53 24.32
C1 R5P J . -10.59 -8.68 -8.42
O1 R5P J . -10.46 -9.51 -7.53
C2 R5P J . -10.97 -9.19 -9.80
O2 R5P J . -10.00 -10.12 -10.27
C3 R5P J . -11.21 -8.04 -10.77
O3 R5P J . -12.10 -8.52 -11.79
C4 R5P J . -9.94 -7.49 -11.40
O4 R5P J . -9.13 -6.81 -10.42
C5 R5P J . -10.28 -6.50 -12.52
O5 R5P J . -9.09 -6.08 -13.20
P R5P J . -9.22 -5.15 -14.52
O1P R5P J . -10.23 -5.82 -15.40
O2P R5P J . -7.84 -5.16 -15.11
O3P R5P J . -9.71 -3.80 -14.05
C2 5RP K . -10.48 -8.95 -8.27
C3 5RP K . -10.70 -9.38 -9.69
C5 5RP K . -11.27 -8.34 -10.64
O13 5RP K . -12.33 -8.84 -11.48
C6 5RP K . -10.09 -7.87 -11.47
O14 5RP K . -9.10 -7.31 -10.59
C7 5RP K . -10.49 -6.86 -12.51
O8 5RP K . -9.31 -6.61 -13.26
P9 5RP K . -9.48 -5.72 -14.59
O12 5RP K . -9.97 -4.36 -14.15
O11 5RP K . -8.10 -5.77 -15.20
O10 5RP K . -10.52 -6.47 -15.37
O4 5RP K . -10.86 -10.55 -9.92
O1 5RP K . -9.90 -9.92 -7.42
C1 R5P L . -10.82 -24.81 7.01
O1 R5P L . -11.08 -24.07 6.08
C2 R5P L . -9.53 -25.61 6.96
O2 R5P L . -9.50 -26.40 5.78
C3 R5P L . -9.35 -26.46 8.22
O3 R5P L . -7.95 -26.68 8.41
C4 R5P L . -10.08 -27.79 8.11
O4 R5P L . -11.49 -27.55 8.01
C5 R5P L . -9.83 -28.68 9.30
O5 R5P L . -10.41 -29.94 8.99
P R5P L . -10.20 -31.14 10.03
O1P R5P L . -10.97 -32.24 9.36
O2P R5P L . -8.70 -31.34 10.15
O3P R5P L . -10.80 -30.66 11.32
C2 5RP M . -10.88 -24.50 7.31
C3 5RP M . -10.02 -25.73 7.17
C5 5RP M . -9.71 -26.51 8.44
O13 5RP M . -8.31 -26.78 8.53
C6 5RP M . -10.51 -27.80 8.47
O14 5RP M . -11.90 -27.48 8.51
C7 5RP M . -10.16 -28.67 9.67
O8 5RP M . -10.93 -29.87 9.61
P9 5RP M . -10.62 -31.08 10.64
O12 5RP M . -11.13 -30.57 11.96
O11 5RP M . -11.35 -32.28 10.05
O10 5RP M . -9.13 -31.27 10.71
O4 5RP M . -9.24 -25.76 6.23
O1 5RP M . -11.09 -23.73 6.15
C1 R5P N . 1.64 -3.02 -24.08
O1 R5P N . 2.01 -3.66 -25.05
C2 R5P N . 2.30 -3.34 -22.76
O2 R5P N . 2.09 -4.72 -22.46
C3 R5P N . 1.83 -2.43 -21.63
O3 R5P N . 2.96 -2.28 -20.73
C4 R5P N . 0.60 -2.99 -20.92
O4 R5P N . -0.54 -3.05 -21.79
C5 R5P N . 0.22 -2.14 -19.71
O5 R5P N . -0.75 -2.85 -18.94
P R5P N . -1.13 -2.26 -17.49
O1P R5P N . -2.15 -3.25 -17.00
O2P R5P N . 0.19 -2.29 -16.75
O3P R5P N . -1.61 -0.85 -17.74
C2 5RP O . 1.37 -2.98 -24.20
C3 5RP O . 1.76 -3.38 -22.80
C5 5RP O . 1.40 -2.38 -21.69
O13 5RP O . 2.49 -2.23 -20.77
C6 5RP O . 0.11 -2.81 -20.97
O14 5RP O . -0.99 -2.78 -21.89
C7 5RP O . -0.27 -1.92 -19.78
O8 5RP O . -1.39 -2.50 -19.09
P9 5RP O . -1.83 -2.00 -17.60
O12 5RP O . -2.42 -0.64 -17.81
O11 5RP O . -2.80 -3.07 -17.16
O10 5RP O . -0.53 -1.96 -16.85
O4 5RP O . 2.71 -4.14 -22.67
O1 5RP O . 0.97 -4.01 -25.10
#